data_4V2V
#
_entry.id   4V2V
#
_cell.length_a   101.020
_cell.length_b   149.910
_cell.length_c   57.380
_cell.angle_alpha   90.00
_cell.angle_beta   90.00
_cell.angle_gamma   90.00
#
_symmetry.space_group_name_H-M   'P 21 21 2'
#
loop_
_entity.id
_entity.type
_entity.pdbx_description
1 polymer 'LYSINE-SPECIFIC DEMETHYLASE 4A'
2 polymer 'HISTONE H3.1T'
3 non-polymer N-OXALYLGLYCINE
4 non-polymer 'NICKEL (II) ION'
5 non-polymer 'ZINC ION'
6 non-polymer 'CHLORIDE ION'
7 water water
#
loop_
_entity_poly.entity_id
_entity_poly.type
_entity_poly.pdbx_seq_one_letter_code
_entity_poly.pdbx_strand_id
1 'polypeptide(L)'
;MHHHHHHSSGVDLGTENLYFQSMASESETLNPSARIMTFYPTMEEFRNFSRYIAYIESQGAHRAGLAKVVPPKEWKPRAS
YDDIDDLVIPAPIQQLVTGQSGLFTQYNIQKKAMTVREFRKIANSDKYCTPRYSEFEELERKYWKNLTFNPPIYGADVNG
TLYEKHVDEWNIGRLRTILDLVEKESGITIEGVNTPYLYFGMWKTSFAWHTEDMDLYSINYLHFGEPKSWYSVPPEHGKR
LERLAKGFFPGSAQSCEAFLRHKMTLISPLMLKKYGIPFDKVTQEAGEFMITFPYGYHAGFNHGFNCAESTNFATRRWIE
YGKQAVLCSCRKDMVKISMDVFVRKFQPERYKLWKAGKDNTVIDHTLPTPEAAEFLKESEL
;
A,B
2 'polypeptide(L)' AR(M3L)SA C,D
#
# COMPACT_ATOMS: atom_id res chain seq x y z
N SER A 25 -23.42 -0.45 -6.60
CA SER A 25 -22.53 -1.22 -5.74
C SER A 25 -22.07 -2.51 -6.44
N GLU A 26 -22.69 -2.81 -7.58
CA GLU A 26 -22.32 -3.98 -8.36
C GLU A 26 -20.87 -3.89 -8.83
N SER A 27 -20.40 -2.70 -9.15
CA SER A 27 -19.03 -2.53 -9.66
C SER A 27 -17.99 -2.76 -8.57
N GLU A 28 -18.23 -2.22 -7.38
CA GLU A 28 -17.38 -2.50 -6.21
C GLU A 28 -17.44 -3.99 -5.90
N THR A 29 -18.55 -4.62 -6.28
CA THR A 29 -18.79 -6.03 -5.99
C THR A 29 -17.98 -6.98 -6.88
N LEU A 30 -17.68 -6.55 -8.12
CA LEU A 30 -16.96 -7.40 -9.05
C LEU A 30 -15.44 -7.28 -8.92
N ASN A 31 -14.78 -8.42 -8.87
CA ASN A 31 -13.34 -8.51 -8.63
C ASN A 31 -12.93 -7.65 -7.43
N PRO A 32 -13.46 -7.97 -6.24
CA PRO A 32 -13.26 -7.12 -5.06
C PRO A 32 -11.81 -7.03 -4.58
N SER A 33 -11.01 -8.05 -4.88
CA SER A 33 -9.60 -8.06 -4.46
C SER A 33 -8.71 -7.46 -5.53
N ALA A 34 -9.32 -7.05 -6.63
CA ALA A 34 -8.61 -6.34 -7.70
C ALA A 34 -7.43 -7.12 -8.27
N ARG A 35 -7.59 -8.43 -8.41
N ARG A 35 -7.58 -8.43 -8.39
CA ARG A 35 -6.56 -9.29 -8.97
CA ARG A 35 -6.51 -9.27 -8.95
C ARG A 35 -6.51 -9.21 -10.49
C ARG A 35 -6.51 -9.24 -10.47
N ILE A 36 -5.34 -9.52 -11.05
CA ILE A 36 -5.20 -9.54 -12.51
C ILE A 36 -5.98 -10.73 -13.06
N MET A 37 -6.91 -10.44 -13.97
CA MET A 37 -7.79 -11.45 -14.54
C MET A 37 -7.27 -11.85 -15.91
N THR A 38 -7.47 -13.12 -16.26
CA THR A 38 -7.06 -13.67 -17.54
C THR A 38 -8.28 -14.15 -18.29
N PHE A 39 -8.37 -13.77 -19.56
CA PHE A 39 -9.57 -14.02 -20.37
C PHE A 39 -9.27 -14.90 -21.58
N TYR A 40 -10.15 -15.85 -21.82
CA TYR A 40 -10.05 -16.75 -22.97
C TYR A 40 -11.32 -16.62 -23.84
N PRO A 41 -11.35 -15.65 -24.78
CA PRO A 41 -12.51 -15.52 -25.66
C PRO A 41 -12.56 -16.51 -26.80
N THR A 42 -13.79 -16.81 -27.25
CA THR A 42 -14.02 -17.50 -28.50
C THR A 42 -13.78 -16.54 -29.67
N MET A 43 -13.95 -17.02 -30.89
CA MET A 43 -13.78 -16.16 -32.05
C MET A 43 -14.90 -15.13 -32.14
N GLU A 44 -16.13 -15.56 -31.83
CA GLU A 44 -17.29 -14.67 -31.91
C GLU A 44 -17.14 -13.50 -30.95
N GLU A 45 -16.51 -13.75 -29.81
CA GLU A 45 -16.30 -12.72 -28.82
C GLU A 45 -15.12 -11.82 -29.20
N PHE A 46 -14.13 -12.40 -29.88
CA PHE A 46 -12.88 -11.74 -30.18
C PHE A 46 -12.99 -10.70 -31.32
N ARG A 47 -14.01 -10.85 -32.15
CA ARG A 47 -14.17 -10.04 -33.36
C ARG A 47 -14.16 -8.53 -33.09
N ASN A 48 -14.92 -8.11 -32.08
CA ASN A 48 -15.16 -6.69 -31.84
C ASN A 48 -14.38 -6.21 -30.62
N PHE A 49 -13.37 -5.37 -30.87
CA PHE A 49 -12.41 -4.99 -29.85
C PHE A 49 -13.05 -4.22 -28.69
N SER A 50 -13.69 -3.10 -29.01
CA SER A 50 -14.30 -2.25 -27.99
C SER A 50 -15.35 -2.99 -27.20
N ARG A 51 -16.08 -3.86 -27.88
CA ARG A 51 -17.09 -4.66 -27.22
C ARG A 51 -16.45 -5.53 -26.14
N TYR A 52 -15.37 -6.22 -26.48
CA TYR A 52 -14.74 -7.13 -25.51
C TYR A 52 -14.10 -6.37 -24.35
N ILE A 53 -13.54 -5.20 -24.63
CA ILE A 53 -12.99 -4.38 -23.55
C ILE A 53 -14.13 -4.00 -22.62
N ALA A 54 -15.29 -3.65 -23.16
CA ALA A 54 -16.43 -3.36 -22.31
C ALA A 54 -16.82 -4.60 -21.49
N TYR A 55 -16.75 -5.77 -22.12
CA TYR A 55 -17.05 -7.00 -21.41
C TYR A 55 -16.09 -7.26 -20.23
N ILE A 56 -14.79 -7.18 -20.44
CA ILE A 56 -13.88 -7.52 -19.33
C ILE A 56 -14.00 -6.49 -18.19
N GLU A 57 -14.38 -5.26 -18.52
CA GLU A 57 -14.67 -4.27 -17.49
C GLU A 57 -15.98 -4.58 -16.75
N SER A 58 -16.97 -5.12 -17.46
CA SER A 58 -18.19 -5.55 -16.78
C SER A 58 -17.89 -6.70 -15.82
N GLN A 59 -16.76 -7.36 -15.99
CA GLN A 59 -16.30 -8.38 -15.06
C GLN A 59 -15.32 -7.84 -14.00
N GLY A 60 -15.04 -6.54 -14.02
CA GLY A 60 -14.19 -5.92 -13.01
C GLY A 60 -12.69 -6.03 -13.25
N ALA A 61 -12.30 -6.47 -14.44
CA ALA A 61 -10.89 -6.62 -14.79
C ALA A 61 -10.08 -5.33 -14.61
N HIS A 62 -10.72 -4.20 -14.87
CA HIS A 62 -10.03 -2.93 -14.83
C HIS A 62 -9.57 -2.56 -13.42
N ARG A 63 -10.15 -3.20 -12.40
CA ARG A 63 -9.79 -2.86 -11.03
C ARG A 63 -8.34 -3.24 -10.75
N ALA A 64 -7.81 -4.20 -11.50
CA ALA A 64 -6.43 -4.64 -11.31
C ALA A 64 -5.42 -3.68 -11.95
N GLY A 65 -5.85 -2.93 -12.97
CA GLY A 65 -4.98 -2.03 -13.69
C GLY A 65 -4.40 -2.71 -14.93
N LEU A 66 -4.45 -4.03 -14.93
CA LEU A 66 -3.84 -4.87 -15.93
C LEU A 66 -4.69 -6.12 -16.16
N ALA A 67 -4.78 -6.59 -17.39
CA ALA A 67 -5.51 -7.83 -17.68
C ALA A 67 -4.87 -8.57 -18.83
N LYS A 68 -4.93 -9.89 -18.78
CA LYS A 68 -4.40 -10.70 -19.86
C LYS A 68 -5.52 -11.23 -20.73
N VAL A 69 -5.33 -11.20 -22.03
CA VAL A 69 -6.28 -11.79 -22.97
C VAL A 69 -5.54 -12.75 -23.88
N VAL A 70 -5.95 -14.01 -23.84
CA VAL A 70 -5.37 -15.02 -24.71
C VAL A 70 -6.29 -15.21 -25.90
N PRO A 71 -5.80 -14.96 -27.13
CA PRO A 71 -6.69 -15.11 -28.28
C PRO A 71 -6.97 -16.58 -28.57
N PRO A 72 -8.08 -16.89 -29.26
CA PRO A 72 -8.32 -18.30 -29.58
C PRO A 72 -7.21 -18.91 -30.45
N LYS A 73 -7.09 -20.24 -30.40
CA LYS A 73 -6.04 -20.96 -31.11
C LYS A 73 -6.04 -20.68 -32.62
N GLU A 74 -7.23 -20.52 -33.20
CA GLU A 74 -7.34 -20.34 -34.66
C GLU A 74 -6.72 -19.03 -35.13
N TRP A 75 -6.65 -18.03 -34.24
CA TRP A 75 -6.17 -16.70 -34.63
C TRP A 75 -4.65 -16.57 -34.63
N LYS A 76 -4.09 -16.04 -35.72
CA LYS A 76 -2.71 -15.58 -35.74
C LYS A 76 -2.60 -14.27 -36.53
N PRO A 77 -1.81 -13.30 -36.04
CA PRO A 77 -1.57 -11.98 -36.66
C PRO A 77 -0.65 -11.95 -37.89
N ARG A 78 0.16 -12.99 -38.05
CA ARG A 78 1.17 -13.01 -39.09
C ARG A 78 1.49 -14.45 -39.48
N ALA A 79 1.99 -14.63 -40.71
CA ALA A 79 2.36 -15.94 -41.20
C ALA A 79 3.67 -16.38 -40.59
N SER A 80 4.75 -15.67 -40.94
CA SER A 80 6.09 -15.99 -40.45
C SER A 80 6.88 -14.73 -40.07
N TYR A 81 7.71 -14.90 -39.05
CA TYR A 81 8.64 -13.87 -38.59
C TYR A 81 10.06 -14.06 -39.18
N ASP A 82 10.20 -14.95 -40.15
CA ASP A 82 11.49 -15.18 -40.80
C ASP A 82 11.95 -13.99 -41.66
N ASP A 83 10.98 -13.25 -42.18
CA ASP A 83 11.24 -12.10 -43.05
C ASP A 83 11.38 -10.81 -42.25
N ILE A 84 11.39 -10.92 -40.92
CA ILE A 84 11.54 -9.75 -40.04
C ILE A 84 13.00 -9.54 -39.61
N ASP A 85 13.91 -10.36 -40.12
CA ASP A 85 15.29 -10.37 -39.61
C ASP A 85 16.15 -9.14 -39.95
N ASP A 86 15.84 -8.47 -41.06
CA ASP A 86 16.60 -7.32 -41.54
C ASP A 86 16.00 -5.93 -41.15
N LEU A 87 14.91 -5.92 -40.39
CA LEU A 87 14.30 -4.64 -39.97
C LEU A 87 15.26 -3.83 -39.08
N VAL A 88 15.26 -2.51 -39.26
CA VAL A 88 16.19 -1.63 -38.56
C VAL A 88 15.61 -1.03 -37.26
N ILE A 89 16.48 -0.88 -36.28
CA ILE A 89 16.14 -0.24 -35.01
C ILE A 89 16.89 1.08 -34.97
N PRO A 90 16.19 2.19 -35.19
CA PRO A 90 16.90 3.47 -35.39
C PRO A 90 17.68 3.93 -34.17
N ALA A 91 17.10 3.77 -32.98
CA ALA A 91 17.70 4.31 -31.77
C ALA A 91 17.64 3.30 -30.62
N PRO A 92 18.52 2.30 -30.66
CA PRO A 92 18.56 1.34 -29.56
C PRO A 92 19.00 2.04 -28.28
N ILE A 93 18.57 1.54 -27.13
CA ILE A 93 18.83 2.18 -25.84
C ILE A 93 19.58 1.27 -24.89
N GLN A 94 20.71 1.74 -24.37
CA GLN A 94 21.41 1.00 -23.33
C GLN A 94 20.88 1.43 -21.97
N GLN A 95 20.44 0.47 -21.15
CA GLN A 95 19.75 0.81 -19.89
C GLN A 95 20.67 0.68 -18.68
N LEU A 96 21.07 1.82 -18.15
CA LEU A 96 21.94 1.88 -17.00
C LEU A 96 21.14 2.15 -15.76
N VAL A 97 21.15 1.19 -14.85
CA VAL A 97 20.32 1.30 -13.65
C VAL A 97 21.21 1.55 -12.45
N THR A 98 20.81 2.53 -11.63
CA THR A 98 21.55 2.91 -10.44
C THR A 98 20.65 2.82 -9.21
N GLY A 99 21.19 2.27 -8.13
CA GLY A 99 20.46 2.23 -6.88
C GLY A 99 20.73 1.00 -6.03
N GLN A 100 19.95 0.87 -4.98
CA GLN A 100 20.12 -0.22 -4.01
C GLN A 100 18.81 -0.42 -3.22
N SER A 101 18.70 -1.55 -2.55
CA SER A 101 17.64 -1.75 -1.55
C SER A 101 16.26 -1.57 -2.16
N GLY A 102 16.05 -2.10 -3.35
CA GLY A 102 14.75 -2.04 -3.99
C GLY A 102 14.35 -0.74 -4.68
N LEU A 103 15.18 0.30 -4.60
CA LEU A 103 14.89 1.59 -5.27
C LEU A 103 15.97 1.95 -6.28
N PHE A 104 15.56 2.15 -7.53
CA PHE A 104 16.52 2.38 -8.61
C PHE A 104 16.04 3.47 -9.55
N THR A 105 17.00 4.12 -10.20
CA THR A 105 16.73 5.05 -11.28
C THR A 105 17.41 4.52 -12.55
N GLN A 106 16.67 4.53 -13.65
CA GLN A 106 17.17 3.99 -14.90
C GLN A 106 17.52 5.11 -15.86
N TYR A 107 18.74 5.07 -16.38
CA TYR A 107 19.21 6.10 -17.29
C TYR A 107 19.39 5.49 -18.69
N ASN A 108 18.89 6.20 -19.69
CA ASN A 108 18.98 5.74 -21.07
C ASN A 108 20.15 6.38 -21.80
N ILE A 109 20.98 5.53 -22.40
CA ILE A 109 22.05 5.97 -23.27
C ILE A 109 21.75 5.55 -24.68
N GLN A 110 21.66 6.52 -25.58
CA GLN A 110 21.30 6.22 -26.95
C GLN A 110 22.51 5.59 -27.63
N LYS A 111 22.28 4.41 -28.22
CA LYS A 111 23.29 3.70 -28.99
C LYS A 111 23.07 3.93 -30.49
N LYS A 112 23.98 3.40 -31.30
CA LYS A 112 23.92 3.56 -32.75
C LYS A 112 22.87 2.64 -33.35
N ALA A 113 22.36 3.01 -34.51
CA ALA A 113 21.38 2.21 -35.23
C ALA A 113 21.87 0.78 -35.44
N MET A 114 20.97 -0.18 -35.38
N MET A 114 20.97 -0.18 -35.37
CA MET A 114 21.34 -1.57 -35.67
CA MET A 114 21.32 -1.58 -35.63
C MET A 114 20.10 -2.33 -36.14
C MET A 114 20.08 -2.35 -36.06
N THR A 115 20.27 -3.62 -36.42
CA THR A 115 19.22 -4.42 -37.06
C THR A 115 18.84 -5.63 -36.22
N VAL A 116 17.68 -6.20 -36.50
CA VAL A 116 17.16 -7.28 -35.67
C VAL A 116 18.08 -8.49 -35.56
N ARG A 117 18.70 -8.92 -36.67
CA ARG A 117 19.57 -10.10 -36.59
C ARG A 117 20.72 -9.80 -35.64
N GLU A 118 21.31 -8.61 -35.73
CA GLU A 118 22.37 -8.22 -34.79
C GLU A 118 21.87 -8.26 -33.37
N PHE A 119 20.71 -7.65 -33.16
CA PHE A 119 20.14 -7.54 -31.83
C PHE A 119 19.97 -8.92 -31.24
N ARG A 120 19.44 -9.84 -32.04
CA ARG A 120 19.30 -11.22 -31.59
C ARG A 120 20.69 -11.78 -31.25
N LYS A 121 21.69 -11.46 -32.06
CA LYS A 121 23.07 -11.94 -31.84
C LYS A 121 23.54 -11.54 -30.44
N ILE A 122 23.48 -10.24 -30.18
CA ILE A 122 23.88 -9.69 -28.89
C ILE A 122 23.00 -10.24 -27.79
N ALA A 123 21.69 -10.30 -28.02
CA ALA A 123 20.74 -10.77 -27.01
C ALA A 123 21.06 -12.19 -26.54
N ASN A 124 21.49 -13.05 -27.47
CA ASN A 124 21.84 -14.43 -27.13
C ASN A 124 23.33 -14.65 -26.88
N SER A 125 24.14 -13.61 -27.06
CA SER A 125 25.56 -13.69 -26.72
C SER A 125 25.67 -14.09 -25.25
N ASP A 126 26.68 -14.87 -24.91
CA ASP A 126 26.79 -15.44 -23.57
C ASP A 126 26.78 -14.35 -22.50
N LYS A 127 27.22 -13.15 -22.88
CA LYS A 127 27.30 -12.02 -21.96
C LYS A 127 25.90 -11.51 -21.56
N TYR A 128 25.02 -11.39 -22.53
CA TYR A 128 23.68 -10.85 -22.31
C TYR A 128 22.52 -11.84 -22.16
N CYS A 129 22.72 -13.14 -22.30
CA CYS A 129 21.55 -14.03 -22.41
C CYS A 129 20.94 -14.40 -21.07
N THR A 130 19.80 -15.10 -21.15
CA THR A 130 19.02 -15.43 -19.96
C THR A 130 19.77 -16.45 -19.11
N PRO A 131 19.95 -16.16 -17.81
CA PRO A 131 20.48 -17.23 -16.97
C PRO A 131 19.52 -18.41 -16.79
N ARG A 132 20.06 -19.55 -16.37
CA ARG A 132 19.26 -20.77 -16.13
C ARG A 132 18.48 -20.65 -14.82
N TYR A 133 17.25 -21.15 -14.82
CA TYR A 133 16.39 -21.12 -13.64
C TYR A 133 15.31 -22.18 -13.77
N SER A 134 14.63 -22.51 -12.67
CA SER A 134 13.45 -23.37 -12.74
C SER A 134 12.16 -22.59 -12.48
N GLU A 135 11.89 -22.26 -11.22
CA GLU A 135 10.67 -21.54 -10.87
C GLU A 135 10.80 -20.07 -11.28
N PHE A 136 9.67 -19.43 -11.59
CA PHE A 136 9.70 -18.02 -11.98
C PHE A 136 10.32 -17.18 -10.89
N GLU A 137 10.04 -17.53 -9.64
CA GLU A 137 10.53 -16.78 -8.49
C GLU A 137 12.04 -16.62 -8.53
N GLU A 138 12.75 -17.61 -9.07
CA GLU A 138 14.20 -17.58 -9.12
C GLU A 138 14.69 -16.54 -10.11
N LEU A 139 14.07 -16.51 -11.29
CA LEU A 139 14.43 -15.55 -12.32
C LEU A 139 14.11 -14.14 -11.85
N GLU A 140 12.98 -14.01 -11.15
CA GLU A 140 12.55 -12.72 -10.60
C GLU A 140 13.60 -12.19 -9.59
N ARG A 141 14.07 -13.06 -8.71
CA ARG A 141 15.11 -12.67 -7.76
C ARG A 141 16.42 -12.28 -8.46
N LYS A 142 16.77 -13.01 -9.50
CA LYS A 142 17.98 -12.71 -10.24
C LYS A 142 17.88 -11.39 -10.98
N TYR A 143 16.68 -11.05 -11.47
CA TYR A 143 16.50 -9.75 -12.10
C TYR A 143 16.75 -8.65 -11.07
N TRP A 144 16.11 -8.75 -9.90
CA TRP A 144 16.24 -7.71 -8.89
C TRP A 144 17.59 -7.70 -8.18
N LYS A 145 18.34 -8.79 -8.27
CA LYS A 145 19.71 -8.85 -7.78
C LYS A 145 20.68 -8.19 -8.74
N ASN A 146 20.50 -8.48 -10.02
CA ASN A 146 21.46 -8.07 -11.05
C ASN A 146 21.17 -6.88 -11.96
N LEU A 147 20.05 -6.19 -11.76
CA LEU A 147 19.66 -5.20 -12.77
C LEU A 147 20.59 -3.99 -12.88
N THR A 148 21.41 -3.71 -11.86
CA THR A 148 22.38 -2.62 -11.99
C THR A 148 23.69 -3.07 -12.66
N PHE A 149 23.84 -4.37 -12.91
CA PHE A 149 25.09 -4.87 -13.53
C PHE A 149 24.88 -5.25 -14.99
N ASN A 150 25.94 -5.07 -15.79
CA ASN A 150 25.95 -5.48 -17.19
C ASN A 150 24.79 -4.89 -17.99
N PRO A 151 24.78 -3.56 -18.15
CA PRO A 151 23.61 -2.87 -18.72
C PRO A 151 23.23 -3.42 -20.08
N PRO A 152 21.96 -3.82 -20.25
CA PRO A 152 21.50 -4.40 -21.51
C PRO A 152 21.07 -3.35 -22.53
N ILE A 153 20.72 -3.78 -23.73
CA ILE A 153 20.25 -2.89 -24.78
C ILE A 153 18.80 -3.19 -25.04
N TYR A 154 17.98 -2.14 -25.15
CA TYR A 154 16.57 -2.30 -25.43
C TYR A 154 16.30 -1.65 -26.77
N GLY A 155 15.61 -2.42 -27.60
CA GLY A 155 15.23 -2.15 -28.98
C GLY A 155 13.91 -1.38 -29.03
N ALA A 156 13.71 -0.49 -28.06
CA ALA A 156 12.41 0.16 -27.84
C ALA A 156 12.00 1.32 -28.78
N ASP A 157 10.69 1.58 -28.83
CA ASP A 157 10.08 2.71 -29.54
C ASP A 157 10.37 2.69 -31.05
N VAL A 158 10.31 1.51 -31.63
CA VAL A 158 10.46 1.38 -33.07
C VAL A 158 9.11 1.54 -33.73
N ASN A 159 9.02 2.51 -34.63
CA ASN A 159 7.78 2.75 -35.34
C ASN A 159 7.52 1.62 -36.29
N GLY A 160 6.39 0.95 -36.13
CA GLY A 160 6.07 -0.14 -37.03
C GLY A 160 5.04 -1.11 -36.48
N THR A 161 4.59 -1.97 -37.37
CA THR A 161 3.65 -3.03 -37.06
C THR A 161 4.14 -4.30 -37.74
N LEU A 162 3.94 -5.43 -37.07
CA LEU A 162 4.16 -6.74 -37.67
C LEU A 162 2.88 -7.43 -38.13
N TYR A 163 1.74 -6.73 -38.08
CA TYR A 163 0.48 -7.29 -38.58
C TYR A 163 0.38 -7.27 -40.10
N GLU A 164 -0.22 -8.33 -40.66
N GLU A 164 -0.19 -8.33 -40.66
CA GLU A 164 -0.58 -8.36 -42.07
CA GLU A 164 -0.56 -8.37 -42.08
C GLU A 164 -1.76 -7.43 -42.32
C GLU A 164 -1.79 -7.51 -42.35
N LYS A 165 -1.86 -6.87 -43.52
CA LYS A 165 -2.90 -5.90 -43.84
C LYS A 165 -4.36 -6.40 -43.71
N HIS A 166 -4.54 -7.71 -43.73
N HIS A 166 -4.59 -7.71 -43.78
CA HIS A 166 -5.88 -8.33 -43.80
CA HIS A 166 -5.96 -8.24 -43.80
C HIS A 166 -6.46 -8.69 -42.43
C HIS A 166 -6.48 -8.63 -42.42
N VAL A 167 -5.65 -8.54 -41.38
CA VAL A 167 -6.08 -9.00 -40.07
C VAL A 167 -6.96 -7.93 -39.46
N ASP A 168 -8.24 -8.25 -39.27
CA ASP A 168 -9.21 -7.28 -38.77
C ASP A 168 -9.58 -7.40 -37.29
N GLU A 169 -9.08 -8.43 -36.64
CA GLU A 169 -9.41 -8.65 -35.24
C GLU A 169 -8.22 -8.21 -34.40
N TRP A 170 -8.49 -7.29 -33.47
CA TRP A 170 -7.47 -6.78 -32.55
C TRP A 170 -6.19 -6.31 -33.26
N ASN A 171 -6.34 -5.56 -34.35
CA ASN A 171 -5.18 -5.06 -35.08
C ASN A 171 -4.70 -3.76 -34.47
N ILE A 172 -3.49 -3.80 -33.93
CA ILE A 172 -2.96 -2.70 -33.12
C ILE A 172 -2.79 -1.46 -33.98
N GLY A 173 -2.66 -1.65 -35.29
CA GLY A 173 -2.58 -0.55 -36.23
C GLY A 173 -3.90 0.17 -36.39
N ARG A 174 -5.02 -0.56 -36.46
CA ARG A 174 -6.31 0.09 -36.42
C ARG A 174 -7.29 -0.62 -35.47
N LEU A 175 -7.48 -0.10 -34.26
CA LEU A 175 -8.43 -0.72 -33.32
C LEU A 175 -9.79 -0.04 -33.37
N ARG A 176 -9.84 1.11 -34.05
N ARG A 176 -9.85 1.11 -34.03
CA ARG A 176 -11.07 1.88 -34.21
CA ARG A 176 -11.08 1.85 -34.23
C ARG A 176 -11.78 2.19 -32.89
C ARG A 176 -11.79 2.25 -32.92
N THR A 177 -11.04 2.70 -31.91
CA THR A 177 -11.64 3.22 -30.68
C THR A 177 -11.80 4.72 -30.80
N ILE A 178 -12.38 5.37 -29.80
CA ILE A 178 -12.60 6.80 -29.89
C ILE A 178 -11.31 7.62 -29.82
N LEU A 179 -10.19 6.99 -29.49
CA LEU A 179 -8.92 7.72 -29.57
C LEU A 179 -8.67 8.21 -31.00
N ASP A 180 -9.30 7.57 -31.98
CA ASP A 180 -9.23 8.02 -33.37
C ASP A 180 -9.69 9.47 -33.58
N LEU A 181 -10.48 9.99 -32.64
N LEU A 181 -10.47 9.98 -32.64
CA LEU A 181 -10.98 11.36 -32.76
CA LEU A 181 -10.96 11.36 -32.74
C LEU A 181 -9.88 12.41 -32.74
C LEU A 181 -9.85 12.38 -32.79
N VAL A 182 -8.71 12.07 -32.18
CA VAL A 182 -7.61 13.02 -32.15
C VAL A 182 -7.10 13.28 -33.57
N GLU A 183 -6.74 12.23 -34.27
CA GLU A 183 -6.27 12.38 -35.64
C GLU A 183 -7.41 12.85 -36.56
N LYS A 184 -8.60 12.29 -36.37
CA LYS A 184 -9.73 12.59 -37.24
C LYS A 184 -10.05 14.08 -37.25
N GLU A 185 -10.18 14.66 -36.06
CA GLU A 185 -10.49 16.07 -35.95
C GLU A 185 -9.31 17.01 -36.20
N SER A 186 -8.15 16.75 -35.57
CA SER A 186 -7.00 17.64 -35.68
C SER A 186 -5.86 17.27 -36.66
N GLY A 187 -5.90 16.07 -37.24
CA GLY A 187 -4.78 15.56 -38.03
C GLY A 187 -3.51 15.20 -37.25
N ILE A 188 -3.53 15.35 -35.92
CA ILE A 188 -2.34 15.13 -35.11
C ILE A 188 -2.03 13.64 -34.87
N THR A 189 -0.82 13.23 -35.23
CA THR A 189 -0.34 11.89 -34.88
C THR A 189 0.70 11.99 -33.79
N ILE A 190 0.56 11.10 -32.81
CA ILE A 190 1.49 11.01 -31.72
C ILE A 190 2.07 9.59 -31.73
N GLU A 191 3.34 9.48 -32.11
CA GLU A 191 3.97 8.20 -32.32
C GLU A 191 4.00 7.36 -31.04
N GLY A 192 3.56 6.12 -31.17
CA GLY A 192 3.44 5.21 -30.04
C GLY A 192 2.09 5.30 -29.36
N VAL A 193 1.38 6.41 -29.52
CA VAL A 193 0.13 6.63 -28.80
C VAL A 193 -1.08 6.31 -29.72
N ASN A 194 -1.28 7.08 -30.78
CA ASN A 194 -2.24 6.67 -31.82
C ASN A 194 -1.56 6.00 -33.03
N THR A 195 -0.28 5.66 -32.90
CA THR A 195 0.41 4.78 -33.87
C THR A 195 1.17 3.65 -33.13
N PRO A 196 1.42 2.52 -33.81
CA PRO A 196 2.06 1.37 -33.14
C PRO A 196 3.57 1.46 -32.93
N TYR A 197 4.04 0.87 -31.83
CA TYR A 197 5.45 0.74 -31.52
C TYR A 197 5.86 -0.72 -31.42
N LEU A 198 7.05 -1.05 -31.93
CA LEU A 198 7.66 -2.35 -31.71
C LEU A 198 8.72 -2.28 -30.62
N TYR A 199 8.79 -3.33 -29.80
CA TYR A 199 9.79 -3.41 -28.73
C TYR A 199 10.60 -4.69 -28.83
N PHE A 200 11.89 -4.57 -29.11
CA PHE A 200 12.76 -5.75 -29.14
C PHE A 200 13.55 -5.83 -27.84
N GLY A 201 13.18 -6.78 -26.99
CA GLY A 201 13.83 -6.93 -25.69
C GLY A 201 14.88 -8.03 -25.59
N MET A 202 15.74 -7.91 -24.58
CA MET A 202 16.64 -9.00 -24.20
C MET A 202 16.55 -9.18 -22.69
N TRP A 203 17.30 -10.12 -22.14
CA TRP A 203 17.25 -10.37 -20.71
C TRP A 203 17.51 -9.08 -19.93
N LYS A 204 16.70 -8.84 -18.89
CA LYS A 204 16.98 -7.76 -17.93
C LYS A 204 16.63 -6.36 -18.47
N THR A 205 16.15 -6.25 -19.71
CA THR A 205 15.58 -4.98 -20.17
C THR A 205 14.26 -4.73 -19.42
N SER A 206 14.00 -3.50 -19.04
N SER A 206 14.03 -3.47 -19.07
CA SER A 206 12.84 -3.24 -18.21
CA SER A 206 12.99 -3.09 -18.13
C SER A 206 12.12 -1.95 -18.52
C SER A 206 12.07 -1.97 -18.63
N PHE A 207 10.87 -1.89 -18.07
CA PHE A 207 10.08 -0.69 -18.16
C PHE A 207 9.71 -0.30 -16.74
N ALA A 208 10.02 0.96 -16.43
CA ALA A 208 9.82 1.56 -15.14
C ALA A 208 8.34 1.83 -14.85
N TRP A 209 8.04 2.04 -13.56
CA TRP A 209 6.67 2.33 -13.12
C TRP A 209 6.08 3.54 -13.81
N HIS A 210 4.91 3.37 -14.43
CA HIS A 210 4.22 4.48 -15.08
C HIS A 210 2.77 4.16 -15.30
N THR A 211 1.97 5.20 -15.52
CA THR A 211 0.73 5.05 -16.25
C THR A 211 0.95 5.55 -17.69
N GLU A 212 -0.04 5.37 -18.56
CA GLU A 212 0.10 5.81 -19.94
C GLU A 212 -0.01 7.31 -20.05
N ASP A 213 0.49 7.85 -21.18
CA ASP A 213 0.25 9.25 -21.51
C ASP A 213 -1.24 9.56 -21.44
N MET A 214 -1.56 10.69 -20.81
CA MET A 214 -2.95 11.13 -20.62
C MET A 214 -3.80 10.09 -19.89
N ASP A 215 -3.12 9.20 -19.16
CA ASP A 215 -3.76 8.06 -18.48
C ASP A 215 -4.69 7.24 -19.38
N LEU A 216 -4.26 7.05 -20.62
CA LEU A 216 -4.99 6.20 -21.55
C LEU A 216 -4.87 4.71 -21.21
N TYR A 217 -5.60 3.89 -21.95
CA TYR A 217 -5.39 2.45 -21.96
C TYR A 217 -4.16 2.13 -22.80
N SER A 218 -3.56 0.96 -22.61
CA SER A 218 -2.65 0.47 -23.63
C SER A 218 -2.92 -0.98 -23.91
N ILE A 219 -2.47 -1.42 -25.08
CA ILE A 219 -2.56 -2.81 -25.49
C ILE A 219 -1.16 -3.25 -25.88
N ASN A 220 -0.79 -4.47 -25.49
CA ASN A 220 0.55 -4.98 -25.76
C ASN A 220 0.46 -6.42 -26.24
N TYR A 221 0.96 -6.69 -27.45
CA TYR A 221 0.96 -8.05 -27.98
C TYR A 221 2.37 -8.56 -28.10
N LEU A 222 2.64 -9.72 -27.51
CA LEU A 222 3.98 -10.30 -27.61
C LEU A 222 3.98 -11.22 -28.81
N HIS A 223 4.69 -10.80 -29.87
CA HIS A 223 4.68 -11.54 -31.13
C HIS A 223 5.39 -12.87 -30.98
N PHE A 224 6.63 -12.84 -30.48
CA PHE A 224 7.43 -14.04 -30.33
C PHE A 224 8.51 -13.88 -29.28
N GLY A 225 9.11 -15.00 -28.86
CA GLY A 225 10.25 -14.98 -27.97
C GLY A 225 9.93 -15.25 -26.53
N GLU A 226 10.88 -14.93 -25.66
CA GLU A 226 10.77 -15.23 -24.23
C GLU A 226 9.78 -14.28 -23.56
N PRO A 227 9.26 -14.67 -22.38
CA PRO A 227 8.17 -13.91 -21.75
C PRO A 227 8.54 -12.50 -21.27
N LYS A 228 7.48 -11.73 -21.03
CA LYS A 228 7.57 -10.40 -20.45
C LYS A 228 6.81 -10.46 -19.14
N SER A 229 7.45 -10.09 -18.03
CA SER A 229 6.80 -10.12 -16.73
C SER A 229 6.35 -8.73 -16.32
N TRP A 230 5.18 -8.66 -15.70
CA TRP A 230 4.54 -7.40 -15.35
C TRP A 230 4.22 -7.30 -13.87
N TYR A 231 4.28 -6.07 -13.37
CA TYR A 231 3.71 -5.73 -12.08
C TYR A 231 2.65 -4.68 -12.31
N SER A 232 1.60 -4.69 -11.49
CA SER A 232 0.55 -3.70 -11.62
C SER A 232 -0.01 -3.27 -10.26
N VAL A 233 -0.30 -1.99 -10.14
CA VAL A 233 -1.03 -1.46 -8.98
C VAL A 233 -2.47 -1.06 -9.37
N PRO A 234 -3.47 -1.54 -8.63
CA PRO A 234 -4.86 -1.10 -8.88
C PRO A 234 -5.00 0.43 -8.94
N PRO A 235 -5.74 0.94 -9.94
CA PRO A 235 -6.01 2.38 -10.05
C PRO A 235 -6.53 2.97 -8.76
N GLU A 236 -7.36 2.23 -8.05
CA GLU A 236 -7.93 2.74 -6.82
C GLU A 236 -6.82 2.97 -5.78
N HIS A 237 -5.70 2.26 -5.92
CA HIS A 237 -4.53 2.48 -5.05
C HIS A 237 -3.37 3.30 -5.69
N GLY A 238 -3.57 3.80 -6.90
CA GLY A 238 -2.52 4.53 -7.61
C GLY A 238 -1.87 5.68 -6.83
N LYS A 239 -2.70 6.46 -6.13
CA LYS A 239 -2.20 7.59 -5.38
C LYS A 239 -1.28 7.17 -4.25
N ARG A 240 -1.50 5.98 -3.70
N ARG A 240 -1.53 5.98 -3.72
CA ARG A 240 -0.63 5.49 -2.63
CA ARG A 240 -0.68 5.41 -2.68
C ARG A 240 0.77 5.23 -3.17
C ARG A 240 0.74 5.23 -3.18
N LEU A 241 0.86 4.63 -4.35
CA LEU A 241 2.16 4.42 -4.98
C LEU A 241 2.85 5.75 -5.27
N GLU A 242 2.09 6.76 -5.70
CA GLU A 242 2.66 8.08 -5.95
C GLU A 242 3.23 8.70 -4.68
N ARG A 243 2.47 8.63 -3.59
N ARG A 243 2.47 8.63 -3.59
CA ARG A 243 2.93 9.18 -2.31
CA ARG A 243 2.93 9.18 -2.31
C ARG A 243 4.22 8.50 -1.87
C ARG A 243 4.21 8.50 -1.87
N LEU A 244 4.28 7.19 -2.06
CA LEU A 244 5.44 6.41 -1.69
C LEU A 244 6.66 6.83 -2.52
N ALA A 245 6.47 6.92 -3.84
CA ALA A 245 7.55 7.32 -4.72
C ALA A 245 8.07 8.74 -4.42
N LYS A 246 7.16 9.67 -4.15
CA LYS A 246 7.56 11.04 -3.81
C LYS A 246 8.44 11.05 -2.55
N GLY A 247 8.09 10.20 -1.58
CA GLY A 247 8.87 10.10 -0.36
C GLY A 247 10.26 9.57 -0.63
N PHE A 248 10.36 8.58 -1.51
CA PHE A 248 11.63 8.01 -1.91
C PHE A 248 12.49 8.90 -2.80
N PHE A 249 11.84 9.70 -3.64
CA PHE A 249 12.57 10.60 -4.55
C PHE A 249 12.08 12.03 -4.39
N PRO A 250 12.39 12.65 -3.24
CA PRO A 250 11.81 13.96 -2.97
C PRO A 250 12.36 15.01 -3.92
N GLY A 251 13.58 14.81 -4.37
CA GLY A 251 14.20 15.73 -5.30
C GLY A 251 13.51 15.73 -6.65
N SER A 252 13.27 14.54 -7.18
CA SER A 252 12.60 14.40 -8.46
C SER A 252 11.18 14.95 -8.36
N ALA A 253 10.53 14.70 -7.23
CA ALA A 253 9.16 15.15 -7.01
C ALA A 253 9.06 16.67 -6.99
N GLN A 254 10.01 17.33 -6.33
CA GLN A 254 9.99 18.79 -6.29
C GLN A 254 10.12 19.39 -7.68
N SER A 255 10.92 18.75 -8.54
CA SER A 255 11.18 19.23 -9.90
C SER A 255 10.07 18.96 -10.90
N CYS A 256 9.35 17.86 -10.73
CA CYS A 256 8.19 17.56 -11.54
C CYS A 256 7.13 16.81 -10.71
N GLU A 257 5.89 17.28 -10.72
CA GLU A 257 4.84 16.55 -9.99
C GLU A 257 4.74 15.12 -10.52
N ALA A 258 4.72 15.03 -11.84
CA ALA A 258 4.47 13.80 -12.58
C ALA A 258 5.76 13.00 -12.86
N PHE A 259 6.83 13.20 -12.06
CA PHE A 259 8.15 12.63 -12.40
C PHE A 259 8.09 11.14 -12.75
N LEU A 260 7.11 10.38 -12.26
CA LEU A 260 7.00 8.98 -12.70
C LEU A 260 6.81 8.87 -14.22
N ARG A 261 6.24 9.91 -14.85
CA ARG A 261 6.07 9.90 -16.31
C ARG A 261 7.42 9.91 -17.06
N HIS A 262 8.49 10.23 -16.35
CA HIS A 262 9.83 10.14 -16.96
C HIS A 262 10.21 8.69 -17.30
N LYS A 263 9.54 7.75 -16.62
CA LYS A 263 9.77 6.29 -16.80
C LYS A 263 11.18 5.92 -16.44
N MET A 264 11.72 6.60 -15.43
CA MET A 264 13.03 6.24 -14.87
C MET A 264 13.02 5.48 -13.55
N THR A 265 11.84 5.28 -12.96
CA THR A 265 11.79 4.86 -11.55
C THR A 265 11.39 3.41 -11.40
N LEU A 266 12.30 2.64 -10.82
CA LEU A 266 12.11 1.22 -10.60
C LEU A 266 12.00 0.95 -9.11
N ILE A 267 10.96 0.22 -8.74
CA ILE A 267 10.70 -0.11 -7.34
C ILE A 267 10.32 -1.58 -7.29
N SER A 268 11.06 -2.35 -6.50
CA SER A 268 10.88 -3.78 -6.42
C SER A 268 9.61 -4.16 -5.66
N PRO A 269 9.08 -5.35 -5.95
CA PRO A 269 7.88 -5.83 -5.26
C PRO A 269 8.07 -5.95 -3.74
N LEU A 270 9.25 -6.33 -3.28
CA LEU A 270 9.49 -6.40 -1.83
C LEU A 270 9.36 -5.03 -1.16
N MET A 271 9.79 -3.98 -1.85
CA MET A 271 9.61 -2.63 -1.35
C MET A 271 8.14 -2.25 -1.30
N LEU A 272 7.39 -2.62 -2.32
CA LEU A 272 5.97 -2.34 -2.34
C LEU A 272 5.28 -3.06 -1.18
N LYS A 273 5.63 -4.34 -0.98
CA LYS A 273 5.12 -5.13 0.14
C LYS A 273 5.41 -4.46 1.48
N LYS A 274 6.66 -4.06 1.64
CA LYS A 274 7.13 -3.44 2.86
C LYS A 274 6.31 -2.22 3.25
N TYR A 275 5.93 -1.41 2.28
CA TYR A 275 5.15 -0.20 2.50
C TYR A 275 3.65 -0.36 2.27
N GLY A 276 3.19 -1.58 2.06
CA GLY A 276 1.76 -1.85 2.08
C GLY A 276 1.03 -1.40 0.83
N ILE A 277 1.77 -1.29 -0.28
CA ILE A 277 1.17 -0.92 -1.57
C ILE A 277 0.62 -2.18 -2.27
N PRO A 278 -0.70 -2.24 -2.48
CA PRO A 278 -1.20 -3.47 -3.13
C PRO A 278 -0.73 -3.56 -4.55
N PHE A 279 -0.41 -4.76 -5.01
CA PHE A 279 0.03 -4.96 -6.39
C PHE A 279 -0.19 -6.42 -6.77
N ASP A 280 -0.18 -6.70 -8.06
CA ASP A 280 -0.29 -8.07 -8.53
C ASP A 280 0.80 -8.30 -9.58
N LYS A 281 1.11 -9.57 -9.83
CA LYS A 281 2.11 -9.97 -10.80
C LYS A 281 1.47 -10.86 -11.84
N VAL A 282 1.96 -10.77 -13.07
CA VAL A 282 1.53 -11.69 -14.12
C VAL A 282 2.66 -11.80 -15.13
N THR A 283 2.78 -12.97 -15.76
CA THR A 283 3.77 -13.18 -16.79
C THR A 283 3.11 -13.37 -18.15
N GLN A 284 3.68 -12.69 -19.14
CA GLN A 284 3.09 -12.66 -20.47
C GLN A 284 3.89 -13.55 -21.42
N GLU A 285 3.26 -14.65 -21.84
CA GLU A 285 3.83 -15.57 -22.82
C GLU A 285 3.61 -15.08 -24.25
N ALA A 286 4.46 -15.52 -25.18
CA ALA A 286 4.33 -15.17 -26.59
C ALA A 286 2.93 -15.52 -27.11
N GLY A 287 2.39 -14.67 -27.96
CA GLY A 287 1.05 -14.86 -28.49
C GLY A 287 -0.06 -14.39 -27.56
N GLU A 288 0.29 -13.73 -26.45
CA GLU A 288 -0.73 -13.25 -25.51
C GLU A 288 -0.82 -11.71 -25.46
N PHE A 289 -2.02 -11.21 -25.18
CA PHE A 289 -2.26 -9.77 -25.05
C PHE A 289 -2.22 -9.31 -23.60
N MET A 290 -1.67 -8.12 -23.37
CA MET A 290 -1.89 -7.42 -22.10
C MET A 290 -2.64 -6.12 -22.37
N ILE A 291 -3.65 -5.84 -21.56
CA ILE A 291 -4.35 -4.57 -21.57
C ILE A 291 -4.03 -3.85 -20.28
N THR A 292 -3.58 -2.60 -20.34
CA THR A 292 -3.48 -1.77 -19.13
C THR A 292 -4.61 -0.77 -19.15
N PHE A 293 -5.10 -0.40 -17.98
CA PHE A 293 -6.31 0.41 -17.85
C PHE A 293 -5.95 1.80 -17.34
N PRO A 294 -6.81 2.80 -17.60
CA PRO A 294 -6.48 4.16 -17.19
C PRO A 294 -6.07 4.27 -15.72
N TYR A 295 -4.97 4.97 -15.54
CA TYR A 295 -4.33 5.18 -14.25
C TYR A 295 -3.91 3.87 -13.57
N GLY A 296 -3.76 2.79 -14.33
CA GLY A 296 -3.04 1.64 -13.81
C GLY A 296 -1.53 1.80 -13.89
N TYR A 297 -0.86 1.82 -12.75
CA TYR A 297 0.59 1.84 -12.72
C TYR A 297 1.10 0.45 -13.02
N HIS A 298 2.06 0.36 -13.93
CA HIS A 298 2.69 -0.91 -14.25
C HIS A 298 4.18 -0.75 -14.52
N ALA A 299 4.87 -1.88 -14.39
CA ALA A 299 6.29 -1.98 -14.58
C ALA A 299 6.60 -3.43 -14.93
N GLY A 300 7.80 -3.70 -15.42
CA GLY A 300 8.16 -5.06 -15.76
C GLY A 300 9.54 -5.24 -16.34
N PHE A 301 9.79 -6.46 -16.83
CA PHE A 301 11.06 -6.78 -17.46
C PHE A 301 10.91 -7.93 -18.45
N ASN A 302 11.81 -7.97 -19.42
CA ASN A 302 11.85 -9.05 -20.40
C ASN A 302 12.77 -10.21 -19.92
N HIS A 303 12.33 -11.43 -20.20
CA HIS A 303 13.07 -12.64 -19.81
C HIS A 303 14.26 -12.94 -20.70
N GLY A 304 14.20 -12.48 -21.95
CA GLY A 304 15.18 -12.85 -22.94
C GLY A 304 14.83 -12.17 -24.25
N PHE A 305 15.32 -12.70 -25.36
CA PHE A 305 14.96 -12.18 -26.66
C PHE A 305 13.46 -12.26 -26.88
N ASN A 306 12.84 -11.13 -27.23
CA ASN A 306 11.44 -11.16 -27.63
C ASN A 306 11.08 -9.93 -28.45
N CYS A 307 9.84 -9.91 -28.92
CA CYS A 307 9.32 -8.81 -29.72
C CYS A 307 7.88 -8.54 -29.34
N ALA A 308 7.60 -7.28 -29.02
CA ALA A 308 6.26 -6.85 -28.60
C ALA A 308 5.78 -5.68 -29.44
N GLU A 309 4.47 -5.60 -29.64
CA GLU A 309 3.89 -4.49 -30.37
C GLU A 309 2.87 -3.83 -29.44
N SER A 310 2.83 -2.50 -29.43
CA SER A 310 1.98 -1.79 -28.49
C SER A 310 1.50 -0.41 -28.99
N THR A 311 0.33 0.01 -28.52
CA THR A 311 -0.16 1.39 -28.76
C THR A 311 -1.14 1.74 -27.64
N ASN A 312 -1.64 2.98 -27.61
CA ASN A 312 -2.68 3.30 -26.66
C ASN A 312 -4.06 3.22 -27.32
N PHE A 313 -5.11 3.32 -26.49
CA PHE A 313 -6.47 3.43 -27.00
C PHE A 313 -7.35 3.99 -25.90
N ALA A 314 -8.61 4.23 -26.24
CA ALA A 314 -9.55 4.86 -25.31
C ALA A 314 -10.92 4.21 -25.36
N THR A 315 -11.67 4.43 -24.29
CA THR A 315 -13.11 4.17 -24.24
C THR A 315 -13.76 5.41 -23.68
N ARG A 316 -15.09 5.39 -23.63
CA ARG A 316 -15.83 6.52 -23.11
C ARG A 316 -15.43 6.79 -21.67
N ARG A 317 -15.14 5.72 -20.92
CA ARG A 317 -14.74 5.82 -19.53
C ARG A 317 -13.42 6.58 -19.36
N TRP A 318 -12.53 6.53 -20.36
CA TRP A 318 -11.24 7.20 -20.26
C TRP A 318 -11.36 8.73 -20.17
N ILE A 319 -12.42 9.29 -20.74
CA ILE A 319 -12.50 10.74 -20.94
C ILE A 319 -12.28 11.52 -19.64
N GLU A 320 -12.93 11.06 -18.58
CA GLU A 320 -12.78 11.69 -17.29
C GLU A 320 -11.32 11.60 -16.79
N TYR A 321 -10.69 10.46 -17.01
CA TYR A 321 -9.28 10.29 -16.66
C TYR A 321 -8.42 11.27 -17.45
N GLY A 322 -8.71 11.38 -18.74
CA GLY A 322 -7.99 12.30 -19.60
C GLY A 322 -8.10 13.73 -19.11
N LYS A 323 -9.29 14.14 -18.68
CA LYS A 323 -9.51 15.50 -18.22
C LYS A 323 -8.71 15.79 -16.95
N GLN A 324 -8.55 14.77 -16.11
CA GLN A 324 -7.87 14.95 -14.83
C GLN A 324 -6.42 14.52 -14.78
N ALA A 325 -5.86 14.04 -15.88
CA ALA A 325 -4.50 13.47 -15.83
C ALA A 325 -3.49 14.54 -15.41
N VAL A 326 -2.57 14.16 -14.54
CA VAL A 326 -1.51 15.06 -14.09
C VAL A 326 -0.30 14.82 -14.97
N LEU A 327 0.12 15.86 -15.68
CA LEU A 327 1.07 15.70 -16.79
C LEU A 327 2.44 16.25 -16.42
N CYS A 328 3.48 15.74 -17.08
CA CYS A 328 4.84 16.20 -16.83
C CYS A 328 5.03 17.62 -17.38
N SER A 329 5.45 18.49 -16.48
CA SER A 329 5.68 19.90 -16.78
C SER A 329 7.13 20.34 -17.06
N CYS A 330 8.09 19.45 -16.84
CA CYS A 330 9.50 19.84 -16.84
C CYS A 330 10.27 19.52 -18.11
N ARG A 331 9.62 18.84 -19.05
CA ARG A 331 10.33 18.31 -20.21
C ARG A 331 9.69 18.83 -21.47
N LYS A 332 10.50 18.98 -22.52
CA LYS A 332 10.03 19.57 -23.76
C LYS A 332 9.18 18.60 -24.59
N ASP A 333 8.04 19.10 -25.04
CA ASP A 333 7.14 18.40 -25.96
C ASP A 333 6.69 17.01 -25.48
N MET A 334 6.26 16.95 -24.22
N MET A 334 6.27 16.94 -24.22
CA MET A 334 5.62 15.77 -23.67
CA MET A 334 5.65 15.73 -23.70
C MET A 334 4.21 15.63 -24.25
C MET A 334 4.22 15.63 -24.25
N VAL A 335 3.65 14.44 -24.16
CA VAL A 335 2.36 14.18 -24.79
C VAL A 335 1.21 14.83 -24.02
N LYS A 336 0.51 15.71 -24.73
CA LYS A 336 -0.67 16.40 -24.20
C LYS A 336 -1.77 16.35 -25.26
N ILE A 337 -2.86 15.69 -24.95
CA ILE A 337 -4.01 15.59 -25.88
C ILE A 337 -5.10 16.59 -25.49
N SER A 338 -5.61 17.33 -26.46
CA SER A 338 -6.71 18.26 -26.22
C SER A 338 -7.98 17.46 -25.92
N MET A 339 -8.58 17.72 -24.76
CA MET A 339 -9.76 16.99 -24.31
C MET A 339 -11.05 17.59 -24.85
N ASP A 340 -10.94 18.78 -25.43
CA ASP A 340 -12.09 19.55 -25.88
C ASP A 340 -13.05 18.75 -26.75
N VAL A 341 -12.52 18.05 -27.74
CA VAL A 341 -13.39 17.36 -28.67
C VAL A 341 -14.14 16.22 -27.99
N PHE A 342 -13.52 15.58 -27.00
CA PHE A 342 -14.18 14.49 -26.31
C PHE A 342 -15.27 14.98 -25.38
N VAL A 343 -15.07 16.14 -24.76
CA VAL A 343 -16.05 16.65 -23.81
C VAL A 343 -17.26 17.14 -24.59
N ARG A 344 -17.01 17.83 -25.68
N ARG A 344 -16.99 17.82 -25.69
CA ARG A 344 -18.07 18.36 -26.52
CA ARG A 344 -18.04 18.35 -26.53
C ARG A 344 -18.96 17.22 -27.01
C ARG A 344 -18.95 17.23 -27.02
N LYS A 345 -18.32 16.18 -27.55
CA LYS A 345 -19.06 15.07 -28.13
C LYS A 345 -19.72 14.17 -27.09
N PHE A 346 -18.96 13.74 -26.09
CA PHE A 346 -19.52 12.81 -25.09
C PHE A 346 -19.98 13.38 -23.74
N GLN A 347 -19.72 14.66 -23.45
CA GLN A 347 -20.23 15.27 -22.22
C GLN A 347 -20.76 16.67 -22.50
N PRO A 348 -21.68 16.78 -23.45
CA PRO A 348 -22.10 18.12 -23.89
C PRO A 348 -22.71 18.93 -22.76
N GLU A 349 -23.40 18.25 -21.84
CA GLU A 349 -24.06 18.97 -20.75
C GLU A 349 -23.04 19.53 -19.74
N ARG A 350 -21.83 18.98 -19.70
N ARG A 350 -21.82 18.98 -19.74
CA ARG A 350 -20.81 19.47 -18.78
CA ARG A 350 -20.77 19.41 -18.82
C ARG A 350 -19.76 20.39 -19.42
C ARG A 350 -19.76 20.37 -19.42
N TYR A 351 -19.86 20.61 -20.73
CA TYR A 351 -18.82 21.34 -21.46
C TYR A 351 -18.62 22.78 -20.97
N LYS A 352 -19.71 23.52 -20.83
CA LYS A 352 -19.64 24.89 -20.30
C LYS A 352 -19.01 24.91 -18.92
N LEU A 353 -19.47 24.02 -18.04
CA LEU A 353 -18.93 23.91 -16.68
C LEU A 353 -17.43 23.63 -16.72
N TRP A 354 -17.04 22.75 -17.62
CA TRP A 354 -15.66 22.30 -17.70
C TRP A 354 -14.73 23.40 -18.21
N LYS A 355 -15.15 24.09 -19.27
CA LYS A 355 -14.38 25.21 -19.81
C LYS A 355 -14.22 26.33 -18.79
N ALA A 356 -15.22 26.50 -17.94
CA ALA A 356 -15.17 27.53 -16.91
C ALA A 356 -14.28 27.09 -15.76
N GLY A 357 -14.11 25.77 -15.59
CA GLY A 357 -13.24 25.24 -14.56
C GLY A 357 -14.00 24.82 -13.31
N LYS A 358 -15.33 24.73 -13.42
CA LYS A 358 -16.21 24.32 -12.33
C LYS A 358 -16.56 22.83 -12.35
N ASP A 359 -15.95 22.03 -13.22
CA ASP A 359 -16.32 20.61 -13.27
C ASP A 359 -15.46 19.84 -12.26
N ASN A 360 -16.12 19.51 -11.16
CA ASN A 360 -15.53 18.93 -9.95
C ASN A 360 -15.72 17.42 -9.78
N THR A 361 -16.16 16.77 -10.85
CA THR A 361 -16.41 15.33 -10.84
C THR A 361 -15.25 14.49 -10.28
N VAL A 362 -15.61 13.57 -9.39
CA VAL A 362 -14.67 12.63 -8.80
C VAL A 362 -14.79 11.32 -9.58
N ILE A 363 -13.66 10.72 -9.91
CA ILE A 363 -13.68 9.45 -10.64
C ILE A 363 -13.86 8.28 -9.68
N ASP A 364 -14.79 7.38 -10.00
CA ASP A 364 -14.91 6.10 -9.30
C ASP A 364 -14.20 5.03 -10.12
N HIS A 365 -13.06 4.55 -9.60
CA HIS A 365 -12.20 3.64 -10.36
C HIS A 365 -12.83 2.25 -10.55
N THR A 366 -13.81 1.92 -9.72
CA THR A 366 -14.43 0.59 -9.79
C THR A 366 -15.46 0.51 -10.93
N LEU A 367 -16.04 1.66 -11.27
CA LEU A 367 -17.16 1.73 -12.21
C LEU A 367 -16.73 1.31 -13.64
N PRO A 368 -17.45 0.36 -14.27
CA PRO A 368 -17.16 -0.03 -15.66
C PRO A 368 -17.61 1.00 -16.70
N THR A 369 -17.12 0.86 -17.92
CA THR A 369 -17.44 1.80 -19.00
C THR A 369 -18.90 1.70 -19.42
N PRO A 370 -19.53 2.83 -19.79
CA PRO A 370 -20.94 2.85 -20.22
C PRO A 370 -21.31 1.86 -21.34
N GLU A 371 -20.33 1.50 -22.18
CA GLU A 371 -20.58 0.62 -23.32
C GLU A 371 -20.85 -0.85 -22.91
N ALA A 372 -20.67 -1.13 -21.62
CA ALA A 372 -20.85 -2.47 -21.07
C ALA A 372 -22.33 -2.70 -20.75
N ALA A 373 -23.15 -1.74 -21.15
CA ALA A 373 -24.59 -1.76 -20.92
C ALA A 373 -25.28 -3.04 -21.38
N GLU A 374 -24.77 -3.66 -22.44
CA GLU A 374 -25.34 -4.92 -22.95
C GLU A 374 -25.01 -6.11 -22.05
N PHE A 375 -23.78 -6.13 -21.51
CA PHE A 375 -23.29 -7.26 -20.71
C PHE A 375 -23.75 -7.26 -19.25
N LEU A 376 -24.16 -6.10 -18.74
CA LEU A 376 -24.60 -5.96 -17.34
C LEU A 376 -26.05 -6.41 -17.11
N LYS A 377 -26.92 -6.16 -18.08
CA LYS A 377 -28.34 -6.51 -17.97
C LYS A 377 -28.74 -7.58 -18.99
N THR B 29 18.45 7.41 6.67
CA THR B 29 19.09 6.11 6.52
C THR B 29 18.06 4.99 6.43
N LEU B 30 17.64 4.46 7.58
CA LEU B 30 16.67 3.38 7.62
C LEU B 30 15.26 3.95 7.81
N ASN B 31 14.42 3.81 6.77
CA ASN B 31 13.12 4.47 6.69
C ASN B 31 13.20 5.98 6.94
N PRO B 32 13.94 6.68 6.07
CA PRO B 32 14.10 8.13 6.20
C PRO B 32 12.74 8.86 6.17
N SER B 33 11.76 8.25 5.50
CA SER B 33 10.41 8.82 5.42
C SER B 33 9.62 8.54 6.69
N ALA B 34 10.11 7.59 7.49
CA ALA B 34 9.45 7.18 8.74
C ALA B 34 8.00 6.71 8.53
N ARG B 35 7.74 6.07 7.39
CA ARG B 35 6.42 5.52 7.09
C ARG B 35 6.22 4.16 7.77
N ILE B 36 4.96 3.85 8.04
CA ILE B 36 4.59 2.58 8.64
C ILE B 36 4.98 1.41 7.74
N MET B 37 5.72 0.46 8.27
CA MET B 37 6.20 -0.68 7.52
C MET B 37 5.41 -1.94 7.87
N THR B 38 5.31 -2.82 6.88
CA THR B 38 4.64 -4.10 7.02
C THR B 38 5.66 -5.22 6.80
N PHE B 39 5.56 -6.27 7.60
CA PHE B 39 6.51 -7.38 7.55
C PHE B 39 5.81 -8.73 7.39
N TYR B 40 6.47 -9.64 6.68
CA TYR B 40 5.90 -10.91 6.27
C TYR B 40 6.84 -12.07 6.65
N PRO B 41 6.97 -12.37 7.94
CA PRO B 41 7.91 -13.40 8.38
C PRO B 41 7.53 -14.82 7.93
N THR B 42 8.55 -15.66 7.76
CA THR B 42 8.38 -17.10 7.65
C THR B 42 8.13 -17.69 9.04
N MET B 43 7.53 -18.89 9.10
CA MET B 43 7.23 -19.54 10.38
C MET B 43 8.48 -19.65 11.25
N GLU B 44 9.63 -19.78 10.60
N GLU B 44 9.63 -19.79 10.59
CA GLU B 44 10.91 -19.90 11.30
CA GLU B 44 10.91 -19.90 11.29
C GLU B 44 11.31 -18.57 11.95
C GLU B 44 11.31 -18.58 11.95
N GLU B 45 10.98 -17.47 11.29
CA GLU B 45 11.24 -16.15 11.85
C GLU B 45 10.19 -15.83 12.90
N PHE B 46 9.00 -16.37 12.70
CA PHE B 46 7.90 -16.20 13.63
C PHE B 46 8.20 -16.86 14.99
N ARG B 47 9.07 -17.87 15.00
CA ARG B 47 9.29 -18.68 16.18
C ARG B 47 9.86 -17.84 17.33
N ASN B 48 10.82 -16.98 17.05
CA ASN B 48 11.46 -16.19 18.11
C ASN B 48 10.99 -14.74 18.08
N PHE B 49 10.15 -14.37 19.05
CA PHE B 49 9.50 -13.06 19.07
C PHE B 49 10.45 -11.86 19.23
N SER B 50 11.20 -11.87 20.33
CA SER B 50 12.18 -10.82 20.63
C SER B 50 13.14 -10.61 19.48
N ARG B 51 13.53 -11.70 18.84
N ARG B 51 13.55 -11.71 18.84
CA ARG B 51 14.45 -11.65 17.73
CA ARG B 51 14.47 -11.65 17.71
C ARG B 51 13.84 -10.97 16.51
C ARG B 51 13.84 -10.95 16.51
N TYR B 52 12.57 -11.23 16.23
CA TYR B 52 11.93 -10.63 15.08
C TYR B 52 11.69 -9.15 15.36
N ILE B 53 11.31 -8.81 16.60
CA ILE B 53 11.18 -7.39 16.94
C ILE B 53 12.53 -6.69 16.71
N ALA B 54 13.61 -7.31 17.21
CA ALA B 54 14.95 -6.79 16.92
C ALA B 54 15.20 -6.64 15.40
N TYR B 55 14.83 -7.65 14.63
CA TYR B 55 15.01 -7.58 13.20
C TYR B 55 14.24 -6.41 12.56
N ILE B 56 12.96 -6.26 12.87
CA ILE B 56 12.19 -5.23 12.20
C ILE B 56 12.70 -3.86 12.67
N GLU B 57 13.21 -3.77 13.89
CA GLU B 57 13.84 -2.51 14.26
C GLU B 57 15.12 -2.29 13.45
N SER B 58 15.88 -3.34 13.18
CA SER B 58 17.06 -3.12 12.33
C SER B 58 16.67 -2.62 10.92
N GLN B 59 15.41 -2.82 10.53
N GLN B 59 15.41 -2.84 10.54
CA GLN B 59 14.90 -2.36 9.25
CA GLN B 59 14.89 -2.37 9.25
C GLN B 59 14.29 -0.96 9.35
C GLN B 59 14.26 -0.98 9.36
N GLY B 60 14.29 -0.40 10.56
CA GLY B 60 13.78 0.94 10.77
C GLY B 60 12.29 1.05 11.11
N ALA B 61 11.66 -0.07 11.43
CA ALA B 61 10.22 -0.09 11.67
C ALA B 61 9.79 0.80 12.82
N HIS B 62 10.64 0.92 13.84
CA HIS B 62 10.31 1.69 15.04
C HIS B 62 10.19 3.19 14.79
N ARG B 63 10.81 3.68 13.73
CA ARG B 63 10.77 5.12 13.47
C ARG B 63 9.36 5.67 13.21
N ALA B 64 8.47 4.83 12.67
CA ALA B 64 7.10 5.27 12.42
C ALA B 64 6.24 5.28 13.69
N GLY B 65 6.70 4.57 14.72
CA GLY B 65 5.95 4.44 15.96
C GLY B 65 4.99 3.26 15.94
N LEU B 66 4.75 2.71 14.75
CA LEU B 66 3.79 1.63 14.56
C LEU B 66 4.25 0.74 13.40
N ALA B 67 4.01 -0.56 13.49
CA ALA B 67 4.29 -1.46 12.36
C ALA B 67 3.28 -2.60 12.29
N LYS B 68 3.10 -3.14 11.09
CA LYS B 68 2.23 -4.29 10.87
C LYS B 68 3.07 -5.54 10.62
N VAL B 69 2.63 -6.64 11.22
CA VAL B 69 3.25 -7.93 11.00
C VAL B 69 2.14 -8.90 10.63
N VAL B 70 2.24 -9.46 9.44
CA VAL B 70 1.30 -10.44 8.93
C VAL B 70 1.88 -11.82 9.19
N PRO B 71 1.20 -12.63 10.01
CA PRO B 71 1.74 -13.97 10.27
C PRO B 71 1.64 -14.88 9.05
N PRO B 72 2.46 -15.92 8.98
CA PRO B 72 2.32 -16.88 7.88
C PRO B 72 0.94 -17.56 7.90
N LYS B 73 0.42 -17.90 6.72
CA LYS B 73 -0.93 -18.44 6.55
C LYS B 73 -1.19 -19.69 7.39
N GLU B 74 -0.16 -20.51 7.53
N GLU B 74 -0.16 -20.51 7.52
CA GLU B 74 -0.23 -21.75 8.30
CA GLU B 74 -0.23 -21.75 8.30
C GLU B 74 -0.51 -21.49 9.79
C GLU B 74 -0.48 -21.50 9.79
N TRP B 75 0.04 -20.40 10.31
CA TRP B 75 -0.15 -20.06 11.73
C TRP B 75 -1.58 -19.65 12.03
N LYS B 76 -2.18 -20.26 13.06
CA LYS B 76 -3.45 -19.80 13.59
C LYS B 76 -3.34 -19.84 15.11
N PRO B 77 -3.84 -18.80 15.80
CA PRO B 77 -3.77 -18.77 17.27
C PRO B 77 -4.74 -19.73 17.92
N ARG B 78 -5.80 -20.03 17.18
CA ARG B 78 -6.85 -20.90 17.64
C ARG B 78 -7.58 -21.50 16.45
N ALA B 79 -8.25 -22.64 16.64
CA ALA B 79 -8.88 -23.34 15.52
C ALA B 79 -10.21 -22.71 15.09
N SER B 80 -11.05 -22.33 16.06
CA SER B 80 -12.36 -21.75 15.73
C SER B 80 -12.83 -20.79 16.82
N TYR B 81 -13.51 -19.73 16.38
CA TYR B 81 -14.02 -18.67 17.28
C TYR B 81 -15.51 -18.75 17.70
N ASP B 82 -16.22 -19.84 17.42
CA ASP B 82 -17.65 -19.92 17.78
C ASP B 82 -17.92 -20.46 19.19
N ASP B 83 -16.90 -20.99 19.86
CA ASP B 83 -17.07 -21.55 21.20
C ASP B 83 -16.97 -20.45 22.27
N ILE B 84 -16.88 -19.20 21.82
CA ILE B 84 -16.76 -18.03 22.70
C ILE B 84 -18.00 -17.19 23.00
N ASP B 85 -19.18 -17.60 22.54
CA ASP B 85 -20.34 -16.73 22.67
C ASP B 85 -20.78 -16.45 24.12
N ASP B 86 -20.34 -17.27 25.07
CA ASP B 86 -20.71 -17.09 26.48
C ASP B 86 -19.68 -16.30 27.30
N LEU B 87 -18.57 -15.93 26.68
CA LEU B 87 -17.57 -15.09 27.33
C LEU B 87 -18.22 -13.78 27.77
N VAL B 88 -17.95 -13.35 29.01
CA VAL B 88 -18.58 -12.15 29.55
C VAL B 88 -17.69 -10.91 29.41
N ILE B 89 -18.32 -9.82 28.97
CA ILE B 89 -17.68 -8.51 28.96
C ILE B 89 -18.15 -7.77 30.20
N PRO B 90 -17.31 -7.72 31.24
CA PRO B 90 -17.84 -7.24 32.52
C PRO B 90 -18.17 -5.75 32.54
N ALA B 91 -17.42 -4.92 31.80
CA ALA B 91 -17.57 -3.47 31.93
C ALA B 91 -17.52 -2.70 30.61
N PRO B 92 -18.52 -2.91 29.73
CA PRO B 92 -18.62 -2.17 28.47
C PRO B 92 -18.62 -0.68 28.71
N ILE B 93 -18.06 0.11 27.79
CA ILE B 93 -18.13 1.57 27.93
C ILE B 93 -18.83 2.18 26.73
N GLN B 94 -19.76 3.08 27.04
CA GLN B 94 -20.39 3.90 26.01
C GLN B 94 -19.52 5.13 25.81
N GLN B 95 -19.16 5.39 24.56
CA GLN B 95 -18.19 6.44 24.26
C GLN B 95 -18.90 7.68 23.79
N LEU B 96 -18.95 8.67 24.67
CA LEU B 96 -19.57 9.95 24.38
C LEU B 96 -18.49 10.93 23.94
N VAL B 97 -18.70 11.63 22.84
CA VAL B 97 -17.67 12.49 22.30
C VAL B 97 -18.20 13.89 22.09
N THR B 98 -17.47 14.88 22.61
CA THR B 98 -17.88 16.28 22.45
C THR B 98 -16.75 17.05 21.81
N GLY B 99 -17.09 17.92 20.85
CA GLY B 99 -16.08 18.79 20.28
C GLY B 99 -16.44 19.30 18.91
N GLN B 100 -15.45 19.88 18.23
CA GLN B 100 -15.66 20.49 16.91
C GLN B 100 -14.31 20.79 16.26
N SER B 101 -14.34 21.22 15.00
CA SER B 101 -13.13 21.61 14.24
C SER B 101 -11.97 20.65 14.44
N GLY B 102 -12.26 19.35 14.47
CA GLY B 102 -11.24 18.32 14.56
C GLY B 102 -10.64 18.09 15.94
N LEU B 103 -11.14 18.81 16.95
CA LEU B 103 -10.68 18.63 18.33
C LEU B 103 -11.85 18.10 19.16
N PHE B 104 -11.61 16.95 19.80
CA PHE B 104 -12.68 16.30 20.57
C PHE B 104 -12.18 15.74 21.88
N THR B 105 -13.13 15.62 22.80
CA THR B 105 -12.92 14.96 24.08
C THR B 105 -13.91 13.81 24.24
N GLN B 106 -13.37 12.66 24.63
CA GLN B 106 -14.12 11.42 24.79
C GLN B 106 -14.36 11.07 26.26
N TYR B 107 -15.62 10.89 26.60
CA TYR B 107 -16.07 10.51 27.93
C TYR B 107 -16.60 9.08 27.87
N ASN B 108 -15.92 8.18 28.57
CA ASN B 108 -16.26 6.77 28.57
C ASN B 108 -17.12 6.46 29.78
N ILE B 109 -18.39 6.13 29.54
CA ILE B 109 -19.34 5.86 30.62
C ILE B 109 -19.64 4.37 30.72
N GLN B 110 -19.45 3.80 31.92
CA GLN B 110 -19.56 2.36 32.09
C GLN B 110 -21.01 1.88 32.07
N LYS B 111 -21.20 0.70 31.52
CA LYS B 111 -22.53 0.11 31.35
C LYS B 111 -22.58 -1.25 32.02
N LYS B 112 -23.79 -1.76 32.22
CA LYS B 112 -23.96 -3.07 32.81
C LYS B 112 -23.33 -4.12 31.89
N ALA B 113 -22.92 -5.22 32.50
CA ALA B 113 -22.23 -6.29 31.79
C ALA B 113 -23.10 -6.94 30.73
N MET B 114 -22.45 -7.55 29.75
CA MET B 114 -23.13 -8.33 28.73
C MET B 114 -22.16 -9.40 28.21
N THR B 115 -22.68 -10.40 27.50
CA THR B 115 -21.83 -11.40 26.86
C THR B 115 -21.45 -10.98 25.45
N VAL B 116 -20.57 -11.77 24.84
CA VAL B 116 -20.12 -11.57 23.47
C VAL B 116 -21.31 -11.72 22.54
N ARG B 117 -22.10 -12.75 22.82
CA ARG B 117 -23.34 -13.02 22.11
C ARG B 117 -24.20 -11.76 22.06
N GLU B 118 -24.47 -11.17 23.22
CA GLU B 118 -25.28 -9.96 23.30
C GLU B 118 -24.62 -8.78 22.60
N PHE B 119 -23.29 -8.74 22.62
CA PHE B 119 -22.59 -7.58 22.05
C PHE B 119 -22.69 -7.62 20.53
N ARG B 120 -22.45 -8.80 19.96
CA ARG B 120 -22.56 -9.01 18.51
C ARG B 120 -23.90 -8.52 17.98
N LYS B 121 -24.99 -8.87 18.67
CA LYS B 121 -26.32 -8.50 18.20
C LYS B 121 -26.46 -6.98 18.17
N ILE B 122 -25.92 -6.30 19.17
CA ILE B 122 -26.03 -4.86 19.22
C ILE B 122 -25.09 -4.24 18.15
N ALA B 123 -23.91 -4.82 17.99
CA ALA B 123 -22.92 -4.34 17.01
C ALA B 123 -23.41 -4.48 15.57
N ASN B 124 -23.96 -5.65 15.25
CA ASN B 124 -24.36 -5.94 13.87
C ASN B 124 -25.78 -5.46 13.57
N SER B 125 -26.43 -4.86 14.56
CA SER B 125 -27.78 -4.28 14.39
C SER B 125 -27.77 -3.03 13.51
N ASP B 126 -28.93 -2.64 13.01
CA ASP B 126 -29.03 -1.54 12.05
C ASP B 126 -28.69 -0.18 12.65
N LYS B 127 -28.72 -0.04 13.97
CA LYS B 127 -28.42 1.25 14.57
C LYS B 127 -26.91 1.51 14.68
N TYR B 128 -26.17 0.48 15.07
CA TYR B 128 -24.71 0.57 15.24
C TYR B 128 -23.83 -0.04 14.13
N CYS B 129 -24.43 -0.57 13.06
CA CYS B 129 -23.65 -1.24 12.02
C CYS B 129 -22.90 -0.23 11.19
N THR B 130 -21.86 -0.71 10.52
CA THR B 130 -21.09 0.06 9.54
C THR B 130 -22.00 0.58 8.42
N PRO B 131 -21.89 1.88 8.08
CA PRO B 131 -22.63 2.41 6.92
C PRO B 131 -22.03 1.97 5.59
N ARG B 132 -22.78 2.14 4.50
CA ARG B 132 -22.32 1.80 3.17
C ARG B 132 -21.15 2.69 2.77
N TYR B 133 -20.14 2.08 2.15
CA TYR B 133 -19.00 2.83 1.65
C TYR B 133 -18.32 2.10 0.49
N SER B 134 -17.60 2.87 -0.34
CA SER B 134 -16.87 2.33 -1.48
C SER B 134 -15.42 2.05 -1.09
N GLU B 135 -14.72 3.11 -0.70
CA GLU B 135 -13.29 3.04 -0.38
C GLU B 135 -13.05 3.49 1.07
N PHE B 136 -11.87 3.18 1.61
CA PHE B 136 -11.56 3.47 3.00
C PHE B 136 -11.67 4.96 3.36
N GLU B 137 -11.23 5.82 2.45
CA GLU B 137 -11.28 7.25 2.68
C GLU B 137 -12.69 7.70 3.04
N GLU B 138 -13.70 7.10 2.40
CA GLU B 138 -15.07 7.48 2.67
C GLU B 138 -15.41 7.11 4.10
N LEU B 139 -15.11 5.89 4.50
CA LEU B 139 -15.41 5.46 5.86
C LEU B 139 -14.69 6.35 6.87
N GLU B 140 -13.44 6.68 6.56
CA GLU B 140 -12.65 7.56 7.42
C GLU B 140 -13.35 8.91 7.58
N ARG B 141 -13.82 9.44 6.44
CA ARG B 141 -14.58 10.68 6.43
C ARG B 141 -15.82 10.58 7.30
N LYS B 142 -16.58 9.50 7.13
CA LYS B 142 -17.78 9.32 7.93
C LYS B 142 -17.45 9.21 9.43
N TYR B 143 -16.32 8.57 9.76
CA TYR B 143 -15.91 8.52 11.15
C TYR B 143 -15.67 9.92 11.70
N TRP B 144 -14.83 10.72 11.03
CA TRP B 144 -14.57 12.05 11.57
C TRP B 144 -15.78 13.00 11.47
N LYS B 145 -16.69 12.73 10.54
CA LYS B 145 -17.93 13.52 10.48
C LYS B 145 -18.93 13.15 11.58
N ASN B 146 -19.08 11.85 11.84
CA ASN B 146 -20.09 11.35 12.77
C ASN B 146 -19.67 10.93 14.19
N LEU B 147 -18.40 11.08 14.58
CA LEU B 147 -17.98 10.48 15.87
C LEU B 147 -18.67 11.06 17.09
N THR B 148 -19.28 12.25 17.00
CA THR B 148 -20.02 12.80 18.16
C THR B 148 -21.50 12.42 18.18
N PHE B 149 -21.99 11.73 17.16
CA PHE B 149 -23.41 11.33 17.11
C PHE B 149 -23.57 9.84 17.38
N ASN B 150 -24.70 9.49 18.00
N ASN B 150 -24.70 9.48 17.99
CA ASN B 150 -25.06 8.10 18.24
CA ASN B 150 -25.03 8.07 18.21
C ASN B 150 -23.93 7.31 18.90
C ASN B 150 -23.90 7.30 18.90
N PRO B 151 -23.58 7.66 20.15
CA PRO B 151 -22.44 7.07 20.84
C PRO B 151 -22.47 5.54 20.88
N PRO B 152 -21.37 4.89 20.45
CA PRO B 152 -21.33 3.42 20.43
C PRO B 152 -20.87 2.83 21.75
N ILE B 153 -20.85 1.50 21.81
CA ILE B 153 -20.43 0.78 22.99
C ILE B 153 -19.17 0.00 22.64
N TYR B 154 -18.16 0.12 23.50
CA TYR B 154 -16.88 -0.54 23.32
C TYR B 154 -16.68 -1.59 24.43
N GLY B 155 -16.40 -2.80 24.00
CA GLY B 155 -16.23 -3.99 24.80
C GLY B 155 -14.84 -4.07 25.38
N ALA B 156 -14.25 -2.95 25.80
CA ALA B 156 -12.83 -2.90 26.08
C ALA B 156 -12.36 -3.47 27.42
N ASP B 157 -11.04 -3.56 27.53
CA ASP B 157 -10.34 -3.89 28.78
C ASP B 157 -10.81 -5.20 29.42
N VAL B 158 -11.09 -6.22 28.62
CA VAL B 158 -11.60 -7.50 29.13
C VAL B 158 -10.43 -8.43 29.43
N ASN B 159 -10.25 -8.80 30.69
CA ASN B 159 -9.18 -9.72 31.02
C ASN B 159 -9.43 -11.06 30.36
N GLY B 160 -8.43 -11.55 29.60
CA GLY B 160 -8.50 -12.88 29.02
C GLY B 160 -7.65 -13.00 27.77
N THR B 161 -7.53 -14.23 27.27
CA THR B 161 -6.78 -14.56 26.06
C THR B 161 -7.62 -15.50 25.23
N LEU B 162 -7.64 -15.31 23.92
CA LEU B 162 -8.31 -16.29 23.04
C LEU B 162 -7.34 -17.28 22.45
N TYR B 163 -6.07 -17.20 22.84
CA TYR B 163 -5.10 -18.17 22.39
C TYR B 163 -5.35 -19.52 23.02
N GLU B 164 -4.84 -20.56 22.34
N GLU B 164 -4.78 -20.51 22.37
CA GLU B 164 -4.86 -21.92 22.86
CA GLU B 164 -4.83 -21.87 22.81
C GLU B 164 -3.54 -22.15 23.59
C GLU B 164 -3.53 -22.18 23.55
N LYS B 165 -3.63 -22.89 24.69
CA LYS B 165 -2.49 -23.03 25.62
C LYS B 165 -1.24 -23.64 25.01
N HIS B 166 -1.37 -24.18 23.80
N HIS B 166 -1.41 -24.17 23.80
CA HIS B 166 -0.24 -24.83 23.14
CA HIS B 166 -0.37 -24.88 23.08
C HIS B 166 0.38 -24.05 21.99
C HIS B 166 0.28 -24.11 21.93
N VAL B 167 -0.13 -22.86 21.72
CA VAL B 167 0.43 -22.03 20.65
C VAL B 167 1.62 -21.33 21.27
N ASP B 168 2.83 -21.69 20.83
CA ASP B 168 4.05 -21.17 21.43
C ASP B 168 4.63 -19.95 20.70
N GLU B 169 4.09 -19.65 19.52
CA GLU B 169 4.64 -18.56 18.71
C GLU B 169 3.77 -17.31 18.84
N TRP B 170 4.39 -16.19 19.22
CA TRP B 170 3.70 -14.92 19.33
C TRP B 170 2.43 -15.03 20.19
N ASN B 171 2.55 -15.72 21.31
CA ASN B 171 1.45 -15.87 22.23
C ASN B 171 1.42 -14.67 23.16
N ILE B 172 0.34 -13.90 23.06
CA ILE B 172 0.23 -12.63 23.75
C ILE B 172 0.17 -12.79 25.27
N GLY B 173 -0.18 -14.01 25.71
CA GLY B 173 -0.15 -14.36 27.11
C GLY B 173 1.24 -14.61 27.65
N ARG B 174 2.10 -15.26 26.86
CA ARG B 174 3.50 -15.43 27.23
C ARG B 174 4.42 -15.05 26.08
N LEU B 175 4.99 -13.84 26.09
CA LEU B 175 5.86 -13.44 24.99
C LEU B 175 7.33 -13.62 25.31
N ARG B 176 7.62 -13.83 26.59
CA ARG B 176 8.99 -14.03 27.07
C ARG B 176 9.92 -12.85 26.79
N THR B 177 9.45 -11.62 27.04
CA THR B 177 10.32 -10.45 26.93
C THR B 177 10.81 -10.04 28.33
N ILE B 178 11.68 -9.04 28.40
CA ILE B 178 12.28 -8.69 29.68
C ILE B 178 11.27 -8.00 30.62
N LEU B 179 10.12 -7.59 30.07
CA LEU B 179 9.04 -7.06 30.91
C LEU B 179 8.65 -8.05 32.02
N ASP B 180 8.84 -9.34 31.77
CA ASP B 180 8.50 -10.35 32.77
C ASP B 180 9.19 -10.08 34.11
N LEU B 181 10.32 -9.38 34.08
CA LEU B 181 11.04 -9.11 35.32
C LEU B 181 10.18 -8.37 36.32
N VAL B 182 9.05 -7.82 35.89
CA VAL B 182 8.17 -7.17 36.85
C VAL B 182 7.46 -8.24 37.69
N GLU B 183 7.02 -9.32 37.04
CA GLU B 183 6.29 -10.36 37.77
C GLU B 183 7.26 -11.35 38.45
N LYS B 184 8.30 -11.72 37.72
CA LYS B 184 9.17 -12.84 38.10
C LYS B 184 10.15 -12.53 39.23
N GLU B 185 10.51 -11.25 39.34
CA GLU B 185 11.45 -10.76 40.34
C GLU B 185 10.68 -9.96 41.39
N SER B 186 9.94 -8.93 40.96
CA SER B 186 9.20 -8.07 41.87
C SER B 186 7.79 -8.57 42.28
N GLY B 187 7.28 -9.62 41.64
CA GLY B 187 6.00 -10.20 42.04
C GLY B 187 4.76 -9.35 41.80
N ILE B 188 4.85 -8.35 40.92
CA ILE B 188 3.73 -7.44 40.66
C ILE B 188 3.00 -7.83 39.37
N THR B 189 1.67 -7.81 39.44
CA THR B 189 0.82 -8.07 38.28
C THR B 189 0.03 -6.80 37.94
N ILE B 190 0.13 -6.35 36.70
CA ILE B 190 -0.59 -5.17 36.24
C ILE B 190 -1.47 -5.54 35.06
N GLU B 191 -2.78 -5.56 35.27
CA GLU B 191 -3.71 -6.07 34.26
C GLU B 191 -3.61 -5.27 32.98
N GLY B 192 -3.59 -5.98 31.85
CA GLY B 192 -3.51 -5.35 30.55
C GLY B 192 -2.08 -4.99 30.14
N VAL B 193 -1.16 -4.94 31.11
CA VAL B 193 0.23 -4.59 30.83
C VAL B 193 1.14 -5.81 30.74
N ASN B 194 1.28 -6.59 31.83
CA ASN B 194 1.88 -7.92 31.75
C ASN B 194 0.87 -9.08 31.66
N THR B 195 -0.42 -8.77 31.47
CA THR B 195 -1.43 -9.78 31.17
C THR B 195 -2.23 -9.35 29.94
N PRO B 196 -2.92 -10.30 29.28
CA PRO B 196 -3.67 -9.93 28.06
C PRO B 196 -5.01 -9.25 28.28
N TYR B 197 -5.38 -8.42 27.32
CA TYR B 197 -6.69 -7.75 27.29
C TYR B 197 -7.39 -8.10 25.98
N LEU B 198 -8.71 -8.24 26.04
CA LEU B 198 -9.54 -8.38 24.86
C LEU B 198 -10.35 -7.13 24.65
N TYR B 199 -10.57 -6.82 23.37
CA TYR B 199 -11.35 -5.66 22.95
C TYR B 199 -12.36 -6.09 21.90
N PHE B 200 -13.64 -5.94 22.24
CA PHE B 200 -14.72 -6.23 21.31
C PHE B 200 -15.24 -4.90 20.77
N GLY B 201 -14.98 -4.65 19.49
CA GLY B 201 -15.35 -3.38 18.90
C GLY B 201 -16.64 -3.45 18.11
N MET B 202 -17.25 -2.28 17.88
CA MET B 202 -18.29 -2.08 16.86
C MET B 202 -17.91 -0.84 16.07
N TRP B 203 -18.74 -0.47 15.08
CA TRP B 203 -18.45 0.68 14.23
C TRP B 203 -18.33 1.96 15.06
N LYS B 204 -17.31 2.75 14.75
CA LYS B 204 -17.14 4.09 15.33
C LYS B 204 -16.55 4.07 16.77
N THR B 205 -16.34 2.90 17.37
CA THR B 205 -15.63 2.85 18.64
C THR B 205 -14.15 3.22 18.45
N SER B 206 -13.61 4.02 19.36
CA SER B 206 -12.26 4.54 19.10
C SER B 206 -11.34 4.54 20.30
N PHE B 207 -10.05 4.69 20.00
CA PHE B 207 -9.05 4.90 21.04
C PHE B 207 -8.30 6.18 20.74
N ALA B 208 -8.19 6.99 21.79
CA ALA B 208 -7.66 8.34 21.66
C ALA B 208 -6.15 8.32 21.57
N TRP B 209 -5.55 9.48 21.33
CA TRP B 209 -4.11 9.57 21.19
C TRP B 209 -3.42 9.29 22.48
N HIS B 210 -2.48 8.35 22.45
CA HIS B 210 -1.70 8.02 23.63
C HIS B 210 -0.42 7.28 23.28
N THR B 211 0.54 7.27 24.20
CA THR B 211 1.58 6.26 24.19
C THR B 211 1.20 5.21 25.25
N GLU B 212 1.96 4.12 25.33
CA GLU B 212 1.69 3.08 26.31
C GLU B 212 2.10 3.51 27.72
N ASP B 213 1.54 2.85 28.73
CA ASP B 213 2.00 3.05 30.09
C ASP B 213 3.52 2.83 30.14
N MET B 214 4.24 3.72 30.81
CA MET B 214 5.69 3.65 30.95
C MET B 214 6.40 3.67 29.60
N ASP B 215 5.68 4.16 28.59
CA ASP B 215 6.12 4.19 27.21
C ASP B 215 6.65 2.84 26.72
N LEU B 216 5.97 1.77 27.09
CA LEU B 216 6.36 0.43 26.66
C LEU B 216 6.03 0.20 25.18
N TYR B 217 6.40 -0.99 24.67
CA TYR B 217 5.83 -1.45 23.41
C TYR B 217 4.43 -1.98 23.65
N SER B 218 3.61 -2.01 22.61
CA SER B 218 2.43 -2.89 22.69
C SER B 218 2.30 -3.77 21.47
N ILE B 219 1.58 -4.87 21.68
CA ILE B 219 1.24 -5.80 20.61
C ILE B 219 -0.26 -5.94 20.58
N ASN B 220 -0.79 -5.95 19.37
CA ASN B 220 -2.22 -6.05 19.14
C ASN B 220 -2.54 -7.01 18.00
N TYR B 221 -3.34 -8.03 18.30
CA TYR B 221 -3.78 -8.99 17.29
C TYR B 221 -5.28 -8.91 17.07
N LEU B 222 -5.69 -8.79 15.81
CA LEU B 222 -7.11 -8.76 15.51
C LEU B 222 -7.53 -10.20 15.24
N HIS B 223 -8.27 -10.79 16.18
CA HIS B 223 -8.61 -12.21 16.11
C HIS B 223 -9.54 -12.52 14.95
N PHE B 224 -10.59 -11.72 14.85
CA PHE B 224 -11.60 -11.91 13.82
C PHE B 224 -12.39 -10.63 13.64
N GLY B 225 -13.14 -10.55 12.55
CA GLY B 225 -14.10 -9.48 12.36
C GLY B 225 -13.63 -8.36 11.46
N GLU B 226 -14.35 -7.23 11.53
CA GLU B 226 -14.07 -6.05 10.70
C GLU B 226 -12.77 -5.35 11.10
N PRO B 227 -12.21 -4.54 10.19
CA PRO B 227 -10.87 -3.96 10.42
C PRO B 227 -10.75 -2.93 11.55
N LYS B 228 -9.51 -2.65 11.93
CA LYS B 228 -9.20 -1.56 12.87
C LYS B 228 -8.22 -0.60 12.20
N SER B 229 -8.58 0.68 12.09
CA SER B 229 -7.67 1.66 11.47
C SER B 229 -6.92 2.45 12.55
N TRP B 230 -5.65 2.71 12.23
CA TRP B 230 -4.67 3.31 13.13
C TRP B 230 -4.04 4.58 12.55
N TYR B 231 -3.74 5.51 13.44
CA TYR B 231 -2.91 6.67 13.14
C TYR B 231 -1.70 6.63 14.07
N SER B 232 -0.56 7.04 13.54
CA SER B 232 0.67 7.04 14.33
C SER B 232 1.57 8.24 14.09
N VAL B 233 2.15 8.76 15.17
CA VAL B 233 3.15 9.84 15.09
C VAL B 233 4.53 9.28 15.41
N PRO B 234 5.52 9.52 14.54
CA PRO B 234 6.87 9.05 14.85
C PRO B 234 7.34 9.46 16.22
N PRO B 235 7.98 8.55 16.96
CA PRO B 235 8.49 8.92 18.28
C PRO B 235 9.35 10.17 18.24
N GLU B 236 10.17 10.33 17.21
CA GLU B 236 11.02 11.52 17.13
C GLU B 236 10.21 12.82 17.02
N HIS B 237 8.95 12.73 16.61
CA HIS B 237 8.06 13.90 16.61
C HIS B 237 7.03 13.95 17.74
N GLY B 238 7.07 12.96 18.64
CA GLY B 238 6.05 12.89 19.68
C GLY B 238 5.90 14.18 20.49
N LYS B 239 7.03 14.83 20.80
CA LYS B 239 6.98 16.07 21.56
C LYS B 239 6.19 17.15 20.84
N ARG B 240 6.14 17.11 19.51
CA ARG B 240 5.45 18.16 18.79
C ARG B 240 3.95 17.97 18.98
N LEU B 241 3.51 16.72 18.96
CA LEU B 241 2.10 16.45 19.23
C LEU B 241 1.70 16.88 20.65
N GLU B 242 2.56 16.64 21.63
CA GLU B 242 2.27 17.06 23.00
C GLU B 242 2.11 18.56 23.11
N ARG B 243 3.00 19.31 22.47
CA ARG B 243 2.91 20.77 22.53
C ARG B 243 1.60 21.23 21.89
N LEU B 244 1.22 20.56 20.80
N LEU B 244 1.22 20.59 20.80
CA LEU B 244 -0.02 20.89 20.10
CA LEU B 244 -0.01 20.93 20.10
C LEU B 244 -1.23 20.69 21.01
C LEU B 244 -1.22 20.71 21.03
N ALA B 245 -1.27 19.54 21.65
CA ALA B 245 -2.39 19.19 22.52
C ALA B 245 -2.42 20.12 23.73
N LYS B 246 -1.24 20.47 24.27
CA LYS B 246 -1.17 21.41 25.39
C LYS B 246 -1.79 22.74 24.97
N GLY B 247 -1.50 23.17 23.76
CA GLY B 247 -2.02 24.44 23.26
C GLY B 247 -3.54 24.44 23.14
N PHE B 248 -4.09 23.33 22.68
CA PHE B 248 -5.54 23.19 22.54
C PHE B 248 -6.28 23.07 23.87
N PHE B 249 -5.68 22.36 24.83
CA PHE B 249 -6.31 22.11 26.12
C PHE B 249 -5.45 22.54 27.29
N PRO B 250 -5.23 23.86 27.47
CA PRO B 250 -4.34 24.35 28.53
C PRO B 250 -4.82 24.01 29.96
N GLY B 251 -6.14 24.06 30.14
CA GLY B 251 -6.74 23.70 31.41
C GLY B 251 -6.39 22.27 31.79
N SER B 252 -6.49 21.36 30.83
CA SER B 252 -6.13 19.96 31.05
C SER B 252 -4.63 19.82 31.33
N ALA B 253 -3.83 20.58 30.60
CA ALA B 253 -2.37 20.50 30.77
C ALA B 253 -1.94 21.02 32.15
N GLN B 254 -2.60 22.05 32.65
CA GLN B 254 -2.24 22.59 33.96
C GLN B 254 -2.54 21.60 35.08
N SER B 255 -3.64 20.84 34.92
CA SER B 255 -4.06 19.88 35.93
C SER B 255 -3.19 18.62 35.94
N CYS B 256 -2.74 18.21 34.77
CA CYS B 256 -1.85 17.07 34.66
C CYS B 256 -0.90 17.29 33.49
N GLU B 257 0.39 17.07 33.70
CA GLU B 257 1.39 17.22 32.64
C GLU B 257 1.14 16.21 31.49
N ALA B 258 0.88 14.98 31.89
CA ALA B 258 0.71 13.83 31.02
C ALA B 258 -0.76 13.57 30.60
N PHE B 259 -1.62 14.59 30.67
CA PHE B 259 -3.07 14.38 30.52
C PHE B 259 -3.46 13.51 29.31
N LEU B 260 -2.62 13.45 28.27
CA LEU B 260 -2.93 12.55 27.15
C LEU B 260 -3.05 11.10 27.60
N ARG B 261 -2.39 10.75 28.71
CA ARG B 261 -2.52 9.40 29.25
C ARG B 261 -3.95 9.11 29.75
N HIS B 262 -4.77 10.14 29.90
CA HIS B 262 -6.17 9.93 30.24
C HIS B 262 -6.95 9.27 29.09
N LYS B 263 -6.35 9.26 27.89
CA LYS B 263 -6.96 8.66 26.70
C LYS B 263 -8.34 9.25 26.39
N MET B 264 -8.50 10.55 26.66
CA MET B 264 -9.71 11.28 26.28
C MET B 264 -9.63 12.20 25.06
N THR B 265 -8.44 12.32 24.46
CA THR B 265 -8.22 13.38 23.49
C THR B 265 -8.19 12.87 22.05
N LEU B 266 -9.12 13.35 21.22
CA LEU B 266 -9.17 12.96 19.82
C LEU B 266 -8.85 14.16 18.91
N ILE B 267 -7.95 13.92 17.97
CA ILE B 267 -7.47 14.96 17.08
C ILE B 267 -7.43 14.36 15.69
N SER B 268 -8.14 14.97 14.76
CA SER B 268 -8.28 14.46 13.42
C SER B 268 -7.00 14.63 12.59
N PRO B 269 -6.83 13.80 11.55
CA PRO B 269 -5.68 13.94 10.64
C PRO B 269 -5.61 15.31 9.94
N LEU B 270 -6.77 15.91 9.69
N LEU B 270 -6.77 15.92 9.68
CA LEU B 270 -6.80 17.24 9.06
CA LEU B 270 -6.80 17.23 9.06
C LEU B 270 -6.14 18.26 9.99
C LEU B 270 -6.15 18.27 9.98
N MET B 271 -6.40 18.17 11.28
CA MET B 271 -5.76 19.09 12.22
C MET B 271 -4.26 18.81 12.34
N LEU B 272 -3.90 17.54 12.44
CA LEU B 272 -2.49 17.20 12.42
C LEU B 272 -1.79 17.80 11.21
N LYS B 273 -2.40 17.63 10.05
CA LYS B 273 -1.83 18.14 8.81
C LYS B 273 -1.72 19.67 8.86
N LYS B 274 -2.81 20.32 9.27
CA LYS B 274 -2.85 21.76 9.39
C LYS B 274 -1.72 22.30 10.26
N TYR B 275 -1.44 21.63 11.37
CA TYR B 275 -0.42 22.12 12.28
C TYR B 275 0.97 21.53 12.07
N GLY B 276 1.14 20.74 11.03
CA GLY B 276 2.46 20.28 10.67
C GLY B 276 3.00 19.14 11.53
N ILE B 277 2.12 18.32 12.09
CA ILE B 277 2.56 17.12 12.80
C ILE B 277 2.69 15.95 11.82
N PRO B 278 3.90 15.37 11.68
CA PRO B 278 4.00 14.21 10.79
C PRO B 278 3.20 13.03 11.34
N PHE B 279 2.51 12.30 10.47
CA PHE B 279 1.80 11.10 10.93
C PHE B 279 1.61 10.19 9.75
N ASP B 280 1.26 8.94 10.06
CA ASP B 280 0.91 7.99 9.01
C ASP B 280 -0.33 7.23 9.46
N LYS B 281 -1.02 6.62 8.51
CA LYS B 281 -2.21 5.82 8.81
C LYS B 281 -2.07 4.42 8.24
N VAL B 282 -2.71 3.46 8.90
CA VAL B 282 -2.70 2.09 8.39
C VAL B 282 -3.94 1.36 8.88
N THR B 283 -4.47 0.46 8.07
CA THR B 283 -5.62 -0.33 8.49
C THR B 283 -5.16 -1.77 8.71
N GLN B 284 -5.59 -2.30 9.86
CA GLN B 284 -5.28 -3.64 10.32
C GLN B 284 -6.49 -4.55 10.04
N GLU B 285 -6.22 -5.69 9.44
CA GLU B 285 -7.24 -6.67 9.02
C GLU B 285 -7.17 -7.89 9.92
N ALA B 286 -8.28 -8.62 10.01
CA ALA B 286 -8.33 -9.82 10.85
C ALA B 286 -7.13 -10.72 10.52
N GLY B 287 -6.52 -11.26 11.57
CA GLY B 287 -5.36 -12.12 11.41
C GLY B 287 -4.02 -11.41 11.32
N GLU B 288 -4.00 -10.08 11.53
CA GLU B 288 -2.77 -9.29 11.46
C GLU B 288 -2.38 -8.70 12.81
N PHE B 289 -1.08 -8.63 13.05
CA PHE B 289 -0.52 -8.00 14.24
C PHE B 289 -0.13 -6.55 13.98
N MET B 290 -0.38 -5.70 14.96
CA MET B 290 0.22 -4.36 15.01
C MET B 290 1.12 -4.28 16.24
N ILE B 291 2.30 -3.70 16.02
CA ILE B 291 3.27 -3.41 17.07
C ILE B 291 3.37 -1.90 17.24
N THR B 292 3.21 -1.40 18.45
CA THR B 292 3.53 0.00 18.72
C THR B 292 4.81 0.05 19.52
N PHE B 293 5.57 1.12 19.29
CA PHE B 293 6.93 1.25 19.76
C PHE B 293 7.00 2.30 20.83
N PRO B 294 8.02 2.22 21.70
CA PRO B 294 8.11 3.19 22.78
C PRO B 294 7.99 4.65 22.31
N TYR B 295 7.09 5.36 23.00
CA TYR B 295 6.79 6.77 22.78
C TYR B 295 6.25 7.03 21.37
N GLY B 296 5.74 5.98 20.71
CA GLY B 296 4.87 6.18 19.56
C GLY B 296 3.46 6.57 19.96
N TYR B 297 3.01 7.74 19.55
CA TYR B 297 1.63 8.14 19.79
C TYR B 297 0.78 7.49 18.73
N HIS B 298 -0.35 6.90 19.15
CA HIS B 298 -1.27 6.33 18.20
C HIS B 298 -2.70 6.50 18.65
N ALA B 299 -3.57 6.40 17.65
CA ALA B 299 -5.01 6.56 17.87
C ALA B 299 -5.74 5.80 16.77
N GLY B 300 -7.03 5.56 16.90
CA GLY B 300 -7.73 4.94 15.79
C GLY B 300 -9.16 4.60 16.08
N PHE B 301 -9.73 3.79 15.18
CA PHE B 301 -11.13 3.40 15.32
C PHE B 301 -11.42 2.05 14.65
N ASN B 302 -12.50 1.43 15.09
CA ASN B 302 -12.91 0.12 14.58
C ASN B 302 -13.94 0.27 13.47
N HIS B 303 -13.87 -0.55 12.44
CA HIS B 303 -14.78 -0.43 11.30
C HIS B 303 -16.14 -1.04 11.57
N GLY B 304 -16.16 -2.05 12.44
CA GLY B 304 -17.39 -2.78 12.72
C GLY B 304 -17.09 -3.83 13.77
N PHE B 305 -17.95 -4.85 13.87
CA PHE B 305 -17.80 -5.81 14.93
C PHE B 305 -16.48 -6.55 14.82
N ASN B 306 -15.69 -6.51 15.89
CA ASN B 306 -14.44 -7.26 15.85
C ASN B 306 -13.92 -7.60 17.23
N CYS B 307 -12.83 -8.35 17.27
CA CYS B 307 -12.22 -8.75 18.52
C CYS B 307 -10.71 -8.69 18.40
N ALA B 308 -10.08 -7.94 19.31
CA ALA B 308 -8.64 -7.76 19.31
C ALA B 308 -8.08 -8.15 20.66
N GLU B 309 -6.88 -8.71 20.68
CA GLU B 309 -6.19 -9.07 21.92
C GLU B 309 -4.90 -8.30 22.00
N SER B 310 -4.58 -7.79 23.18
CA SER B 310 -3.45 -6.90 23.30
C SER B 310 -2.72 -6.98 24.63
N THR B 311 -1.43 -6.67 24.59
CA THR B 311 -0.65 -6.51 25.84
C THR B 311 0.59 -5.65 25.60
N ASN B 312 1.20 -5.16 26.67
CA ASN B 312 2.49 -4.49 26.57
C ASN B 312 3.68 -5.44 26.56
N PHE B 313 4.79 -4.99 26.01
CA PHE B 313 6.04 -5.74 26.17
C PHE B 313 7.24 -4.79 26.11
N ALA B 314 8.44 -5.34 26.31
CA ALA B 314 9.66 -4.54 26.41
C ALA B 314 10.86 -5.18 25.70
N THR B 315 11.84 -4.36 25.39
CA THR B 315 13.15 -4.83 24.96
C THR B 315 14.18 -4.02 25.75
N ARG B 316 15.47 -4.29 25.52
CA ARG B 316 16.53 -3.53 26.19
C ARG B 316 16.40 -2.03 25.88
N ARG B 317 16.12 -1.73 24.61
CA ARG B 317 16.02 -0.35 24.14
C ARG B 317 14.97 0.42 24.94
N TRP B 318 13.94 -0.27 25.42
CA TRP B 318 12.87 0.39 26.17
C TRP B 318 13.37 0.95 27.49
N ILE B 319 14.41 0.34 28.08
CA ILE B 319 14.75 0.68 29.46
C ILE B 319 14.92 2.20 29.65
N GLU B 320 15.66 2.82 28.76
CA GLU B 320 15.86 4.27 28.81
C GLU B 320 14.53 5.03 28.66
N TYR B 321 13.58 4.50 27.88
CA TYR B 321 12.31 5.20 27.73
C TYR B 321 11.56 5.16 29.07
N GLY B 322 11.48 3.95 29.63
CA GLY B 322 10.88 3.72 30.93
C GLY B 322 11.44 4.65 31.99
N LYS B 323 12.76 4.79 32.01
CA LYS B 323 13.41 5.66 32.97
C LYS B 323 12.94 7.10 32.80
N GLN B 324 12.66 7.51 31.55
CA GLN B 324 12.33 8.90 31.29
C GLN B 324 10.85 9.22 31.10
N ALA B 325 9.98 8.22 31.20
CA ALA B 325 8.57 8.41 30.88
C ALA B 325 7.93 9.45 31.81
N VAL B 326 7.17 10.38 31.24
CA VAL B 326 6.45 11.37 32.03
C VAL B 326 5.08 10.76 32.35
N LEU B 327 4.74 10.68 33.64
CA LEU B 327 3.58 9.89 34.08
C LEU B 327 2.45 10.77 34.59
N CYS B 328 1.22 10.22 34.58
CA CYS B 328 0.06 10.94 35.07
C CYS B 328 0.14 11.10 36.60
N SER B 329 0.09 12.36 37.05
CA SER B 329 0.02 12.73 38.46
C SER B 329 -1.38 12.73 39.10
N CYS B 330 -2.39 13.16 38.33
CA CYS B 330 -3.64 13.61 38.91
C CYS B 330 -4.61 12.52 39.32
N ARG B 331 -4.33 11.28 38.91
CA ARG B 331 -5.24 10.18 39.21
C ARG B 331 -4.58 9.15 40.12
N LYS B 332 -5.41 8.51 40.94
CA LYS B 332 -4.92 7.50 41.88
C LYS B 332 -4.69 6.15 41.20
N ASP B 333 -3.64 5.45 41.62
CA ASP B 333 -3.38 4.08 41.18
C ASP B 333 -3.16 3.93 39.67
N MET B 334 -2.46 4.90 39.08
CA MET B 334 -2.01 4.81 37.69
C MET B 334 -0.81 3.86 37.56
N VAL B 335 -0.54 3.37 36.35
CA VAL B 335 0.51 2.38 36.18
C VAL B 335 1.88 3.02 36.26
N LYS B 336 2.64 2.55 37.24
CA LYS B 336 3.96 3.06 37.50
C LYS B 336 4.83 1.84 37.78
N ILE B 337 5.83 1.63 36.95
CA ILE B 337 6.68 0.45 37.07
C ILE B 337 8.02 0.88 37.62
N SER B 338 8.49 0.20 38.67
CA SER B 338 9.79 0.53 39.24
C SER B 338 10.88 0.14 38.26
N MET B 339 11.72 1.10 37.87
CA MET B 339 12.74 0.83 36.86
C MET B 339 14.00 0.20 37.47
N ASP B 340 14.00 0.10 38.78
CA ASP B 340 15.18 -0.28 39.52
C ASP B 340 15.78 -1.61 39.05
N VAL B 341 14.96 -2.65 38.97
CA VAL B 341 15.42 -3.97 38.57
C VAL B 341 16.07 -3.94 37.16
N PHE B 342 15.52 -3.10 36.29
CA PHE B 342 16.03 -3.01 34.92
C PHE B 342 17.38 -2.30 34.88
N VAL B 343 17.49 -1.20 35.61
CA VAL B 343 18.73 -0.44 35.62
C VAL B 343 19.80 -1.31 36.27
N ARG B 344 19.42 -1.93 37.37
CA ARG B 344 20.32 -2.79 38.12
C ARG B 344 20.84 -3.92 37.24
N LYS B 345 19.94 -4.62 36.55
CA LYS B 345 20.37 -5.75 35.73
C LYS B 345 21.05 -5.38 34.40
N PHE B 346 20.45 -4.51 33.61
CA PHE B 346 21.01 -4.18 32.29
C PHE B 346 21.92 -2.96 32.19
N GLN B 347 21.95 -2.12 33.21
CA GLN B 347 22.84 -0.96 33.22
C GLN B 347 23.58 -0.81 34.55
N PRO B 348 24.32 -1.84 34.99
CA PRO B 348 24.91 -1.77 36.32
C PRO B 348 25.87 -0.60 36.49
N GLU B 349 26.53 -0.23 35.40
CA GLU B 349 27.55 0.78 35.45
C GLU B 349 26.92 2.17 35.63
N ARG B 350 25.65 2.30 35.27
N ARG B 350 25.65 2.30 35.27
CA ARG B 350 24.93 3.56 35.44
CA ARG B 350 24.92 3.56 35.43
C ARG B 350 24.05 3.61 36.69
C ARG B 350 24.03 3.60 36.68
N TYR B 351 23.92 2.49 37.39
CA TYR B 351 22.96 2.39 38.49
C TYR B 351 23.19 3.41 39.61
N LYS B 352 24.40 3.46 40.12
CA LYS B 352 24.73 4.40 41.19
C LYS B 352 24.35 5.84 40.80
N LEU B 353 24.73 6.24 39.59
CA LEU B 353 24.43 7.58 39.12
C LEU B 353 22.93 7.81 38.98
N TRP B 354 22.22 6.83 38.42
CA TRP B 354 20.79 6.95 38.22
C TRP B 354 20.04 7.11 39.55
N LYS B 355 20.42 6.33 40.55
CA LYS B 355 19.80 6.41 41.88
C LYS B 355 20.01 7.79 42.48
N ALA B 356 21.09 8.44 42.08
CA ALA B 356 21.43 9.76 42.60
C ALA B 356 20.75 10.89 41.82
N GLY B 357 20.00 10.57 40.77
CA GLY B 357 19.31 11.56 39.96
C GLY B 357 20.20 12.29 38.96
N LYS B 358 21.43 11.82 38.82
CA LYS B 358 22.42 12.41 37.93
C LYS B 358 22.52 11.77 36.53
N ASP B 359 21.59 10.88 36.16
CA ASP B 359 21.71 10.24 34.84
C ASP B 359 21.07 11.15 33.79
N ASN B 360 21.97 11.71 32.98
CA ASN B 360 21.71 12.73 31.96
C ASN B 360 21.52 12.17 30.54
N THR B 361 21.43 10.86 30.39
CA THR B 361 21.31 10.22 29.09
C THR B 361 20.16 10.80 28.22
N VAL B 362 20.48 11.08 26.95
CA VAL B 362 19.51 11.56 25.97
C VAL B 362 19.13 10.42 25.01
N ILE B 363 17.83 10.23 24.78
CA ILE B 363 17.40 9.16 23.88
C ILE B 363 17.46 9.61 22.42
N ASP B 364 18.05 8.76 21.57
CA ASP B 364 18.00 8.93 20.13
C ASP B 364 16.97 7.93 19.59
N HIS B 365 15.85 8.46 19.13
CA HIS B 365 14.71 7.63 18.73
C HIS B 365 14.99 6.83 17.45
N THR B 366 16.01 7.21 16.70
CA THR B 366 16.29 6.55 15.43
C THR B 366 17.07 5.24 15.62
N LEU B 367 17.75 5.09 16.75
CA LEU B 367 18.63 3.93 16.98
C LEU B 367 17.86 2.62 17.19
N PRO B 368 18.35 1.50 16.59
CA PRO B 368 17.78 0.18 16.87
C PRO B 368 18.19 -0.33 18.24
N THR B 369 17.48 -1.35 18.72
CA THR B 369 17.81 -1.98 20.00
C THR B 369 19.15 -2.73 19.84
N PRO B 370 19.96 -2.80 20.92
CA PRO B 370 21.27 -3.47 20.82
C PRO B 370 21.20 -4.93 20.35
N GLU B 371 20.07 -5.59 20.56
CA GLU B 371 19.90 -7.02 20.22
C GLU B 371 20.06 -7.32 18.73
N ALA B 372 20.06 -6.26 17.92
CA ALA B 372 20.15 -6.33 16.47
C ALA B 372 21.58 -6.32 15.94
N ALA B 373 22.56 -6.52 16.83
CA ALA B 373 23.97 -6.58 16.43
C ALA B 373 24.17 -7.43 15.17
N GLU B 374 23.65 -8.64 15.18
CA GLU B 374 23.84 -9.59 14.08
C GLU B 374 23.24 -9.14 12.76
N PHE B 375 22.03 -8.58 12.82
CA PHE B 375 21.27 -8.25 11.63
C PHE B 375 21.91 -7.13 10.81
N LEU B 376 22.46 -6.13 11.50
CA LEU B 376 23.05 -4.99 10.82
C LEU B 376 24.45 -5.32 10.28
N ALA C 1 5.30 15.40 -30.77
CA ALA C 1 5.41 14.60 -29.55
C ALA C 1 5.31 13.13 -29.88
N ARG C 2 5.90 12.28 -29.03
N ARG C 2 5.94 12.30 -29.05
CA ARG C 2 5.84 10.84 -29.22
CA ARG C 2 5.92 10.85 -29.23
C ARG C 2 5.94 10.14 -27.89
C ARG C 2 5.92 10.15 -27.88
N SER C 4 7.67 7.76 -25.28
CA SER C 4 9.08 7.54 -24.94
C SER C 4 9.24 6.39 -23.94
N ALA C 5 10.38 5.70 -24.02
CA ALA C 5 10.67 4.56 -23.15
C ALA C 5 11.27 4.98 -21.81
N ALA D 1 -3.56 -1.60 40.30
CA ALA D 1 -3.27 -0.89 39.05
C ALA D 1 -3.54 -1.76 37.82
N ARG D 2 -4.20 -1.18 36.82
CA ARG D 2 -4.57 -1.88 35.58
C ARG D 2 -4.48 -0.91 34.39
N SER D 4 -6.31 1.01 31.44
CA SER D 4 -7.64 1.60 31.27
C SER D 4 -7.79 2.22 29.87
N ALA D 5 -9.00 2.19 29.32
CA ALA D 5 -9.27 2.74 27.97
C ALA D 5 -9.63 4.23 28.02
#